data_9RDE
#
_entry.id   9RDE
#
_cell.length_a   147.749
_cell.length_b   147.749
_cell.length_c   66.500
_cell.angle_alpha   90.000
_cell.angle_beta   90.000
_cell.angle_gamma   90.000
#
_symmetry.space_group_name_H-M   'P 41'
#
_entity_poly.entity_id   1
_entity_poly.type   'polypeptide(L)'
_entity_poly.pdbx_seq_one_letter_code
;(MSE)GDKSASYETVEGEVLLTPIQQEYFSLNKTDRNHYNHAV(MSE)LYRKNGFDESIVKRVFKEIIKHHDALRTVFTE
EDGKIIQYNRGPDKQLFDLFVYDVSSENDQPQKVYQLATELQQSIDIETGPLVKLALFKTNNGDHLLIIIHHLVVDGISW
RILFEDLAIGYSQLANGEKVEFYPKTASYQAYARHIAEYAKSVKLLSEKQYWLKAIAEGVEFLD(MSE)NENAGAFKVED
SRTFSTELEKEETKRLLRETNRAYHTEINDILITALLVAARD(MSE)NGQNQLRITLEGHGREQVADGIDISRTVGWFTS
KYPVFIDLGQETD(MSE)SRTIK(MSE)VKEHLRNVPNKGIGYGILKYLTRDSEIAKGAASPILFNYLGQLDEDINSGEF
SSSHLSPGEAAGKGITREHPLEINAVVFRGKLAIQTTYNTRAYSEDVVRAFAQNYKEALKAVIRHCAEREETEKTPSDYG
DKGISLDQLEEIKLKYKG(MSE)EIEKIYPLAN(MSE)QRG(MSE)LFHALEDKESQAYFEQ(MSE)AIN(MSE)KGLID
ERLFAETFNDI(MSE)ERHEILRASIEYEITDEPRNVIIKDRKINLDYHDLRKQSPAEREQVIQAYRKADREKGFRLNSE
PLIRAAL(MSE)RTEDDSYTFIWTNHHILLDGWSRGII(MSE)GELFH(MSE)YH(MSE)KEARQKHRLEEARPYSDYIG
WLQQQDKEAAKAYWRNYLSGFTEKSPISVLAGSSGHAKYKRKEAVIEFPEQLTGRITELASRNNVTFHTVLQCIWG
(MSE)LLARYNQTDDVVFGTVISGRDAQVTGIEK(MSE)VGLFINTVPTRIRLDKSQSFKELIKSVQEQALEGRTYHD
(MSE)NLSEVQSLSELKRELLDHILIFENYAVDQSAFETSGKRGAGFVFEEIHAEEQTNYGFNIVAVPGERLVIKLTYDG
NIYHDHIIAGIKGHLQQV(MSE)EQVVQHEDQSLNDITVLSGSRSHHHHHH
;
_entity_poly.pdbx_strand_id   A
#
# COMPACT_ATOMS: atom_id res chain seq x y z
N SER A 7 28.85 -6.47 -9.45
CA SER A 7 28.81 -7.53 -8.44
C SER A 7 28.45 -8.87 -9.08
N TYR A 8 29.24 -9.28 -10.07
CA TYR A 8 28.99 -10.54 -10.76
C TYR A 8 29.36 -11.72 -9.86
N GLU A 9 28.45 -12.68 -9.76
CA GLU A 9 28.69 -13.87 -8.95
C GLU A 9 28.34 -15.14 -9.71
N THR A 10 28.38 -16.29 -9.04
CA THR A 10 28.03 -17.56 -9.65
C THR A 10 27.39 -18.45 -8.59
N VAL A 11 26.29 -19.10 -8.94
CA VAL A 11 25.56 -19.95 -8.02
C VAL A 11 25.55 -21.37 -8.56
N GLU A 12 25.52 -22.34 -7.64
CA GLU A 12 25.51 -23.75 -8.00
C GLU A 12 24.97 -24.53 -6.81
N GLY A 13 24.15 -25.54 -7.10
CA GLY A 13 23.60 -26.42 -6.08
C GLY A 13 22.11 -26.52 -6.18
N GLU A 14 21.51 -27.15 -5.16
CA GLU A 14 20.07 -27.33 -5.12
C GLU A 14 19.36 -25.98 -5.00
N VAL A 15 18.24 -25.85 -5.72
CA VAL A 15 17.40 -24.67 -5.63
C VAL A 15 15.96 -25.12 -5.48
N LEU A 16 15.23 -24.49 -4.56
CA LEU A 16 13.84 -24.86 -4.32
C LEU A 16 12.98 -24.56 -5.56
N LEU A 17 11.98 -25.41 -5.78
CA LEU A 17 11.07 -25.23 -6.89
C LEU A 17 10.06 -24.14 -6.56
N THR A 18 9.99 -23.12 -7.40
CA THR A 18 8.98 -22.08 -7.25
C THR A 18 7.60 -22.65 -7.55
N PRO A 19 6.54 -22.02 -7.04
CA PRO A 19 5.20 -22.59 -7.26
C PRO A 19 4.82 -22.75 -8.72
N ILE A 20 5.30 -21.87 -9.60
CA ILE A 20 5.02 -22.04 -11.02
C ILE A 20 5.70 -23.28 -11.56
N GLN A 21 6.92 -23.56 -11.09
CA GLN A 21 7.61 -24.78 -11.51
C GLN A 21 6.92 -26.03 -10.96
N GLN A 22 6.49 -25.98 -9.70
CA GLN A 22 5.79 -27.12 -9.11
C GLN A 22 4.47 -27.38 -9.85
N GLU A 23 3.80 -26.31 -10.29
CA GLU A 23 2.58 -26.47 -11.07
C GLU A 23 2.86 -27.15 -12.40
N TYR A 24 4.00 -26.85 -13.02
CA TYR A 24 4.34 -27.46 -14.30
C TYR A 24 4.48 -28.97 -14.19
N PHE A 25 5.14 -29.44 -13.13
CA PHE A 25 5.36 -30.88 -12.98
C PHE A 25 4.10 -31.61 -12.54
N SER A 26 3.21 -30.94 -11.80
CA SER A 26 1.97 -31.59 -11.37
C SER A 26 1.03 -31.81 -12.55
N LEU A 27 0.89 -30.82 -13.43
CA LEU A 27 0.01 -30.96 -14.57
C LEU A 27 0.60 -31.88 -15.64
N ASN A 28 1.90 -31.76 -15.88
CA ASN A 28 2.58 -32.54 -16.92
C ASN A 28 3.42 -33.62 -16.24
N LYS A 29 2.94 -34.86 -16.31
CA LYS A 29 3.67 -36.00 -15.78
C LYS A 29 4.33 -36.84 -16.88
N THR A 30 3.91 -36.66 -18.13
CA THR A 30 4.53 -37.32 -19.26
C THR A 30 4.69 -36.30 -20.38
N ASP A 31 5.65 -36.57 -21.27
CA ASP A 31 6.00 -35.66 -22.37
C ASP A 31 6.34 -34.27 -21.84
N ARG A 32 7.08 -34.23 -20.73
CA ARG A 32 7.51 -32.98 -20.11
C ARG A 32 8.83 -32.48 -20.64
N ASN A 33 9.43 -33.17 -21.62
CA ASN A 33 10.79 -32.83 -22.04
C ASN A 33 10.85 -31.50 -22.76
N HIS A 34 9.97 -31.27 -23.73
CA HIS A 34 10.04 -30.05 -24.55
C HIS A 34 8.79 -29.21 -24.32
N TYR A 35 8.98 -28.07 -23.65
CA TYR A 35 7.98 -27.00 -23.52
C TYR A 35 8.79 -25.71 -23.42
N ASN A 36 8.99 -25.07 -24.57
CA ASN A 36 10.06 -24.10 -24.73
C ASN A 36 9.53 -22.71 -25.05
N HIS A 37 10.45 -21.75 -24.99
CA HIS A 37 10.23 -20.36 -25.38
C HIS A 37 11.19 -20.06 -26.53
N ALA A 38 10.67 -20.00 -27.75
CA ALA A 38 11.49 -19.91 -28.94
C ALA A 38 11.30 -18.56 -29.63
N VAL A 39 12.40 -18.00 -30.14
CA VAL A 39 12.39 -16.75 -30.89
C VAL A 39 13.30 -16.91 -32.10
N MSE A 40 12.85 -16.39 -33.24
CA MSE A 40 13.65 -16.37 -34.46
C MSE A 40 14.11 -14.95 -34.79
O MSE A 40 13.32 -14.01 -34.73
CB MSE A 40 12.87 -16.95 -35.63
CG MSE A 40 12.92 -18.47 -35.73
SE MSE A 40 14.55 -19.11 -36.57
CE MSE A 40 14.28 -18.35 -38.35
N LEU A 41 15.40 -14.80 -35.11
CA LEU A 41 15.98 -13.50 -35.41
C LEU A 41 16.59 -13.51 -36.81
N TYR A 42 16.53 -12.36 -37.47
CA TYR A 42 17.06 -12.19 -38.82
C TYR A 42 18.05 -11.04 -38.84
N ARG A 43 19.21 -11.29 -39.43
CA ARG A 43 20.24 -10.26 -39.63
C ARG A 43 20.58 -10.22 -41.12
N LYS A 44 20.43 -9.04 -41.73
CA LYS A 44 20.64 -8.93 -43.18
C LYS A 44 22.09 -9.21 -43.55
N ASN A 45 23.04 -8.71 -42.76
CA ASN A 45 24.45 -8.92 -43.05
C ASN A 45 24.96 -10.30 -42.65
N GLY A 46 24.17 -11.06 -41.89
CA GLY A 46 24.55 -12.40 -41.50
C GLY A 46 25.07 -12.46 -40.07
N PHE A 47 25.02 -13.66 -39.50
CA PHE A 47 25.49 -13.90 -38.15
C PHE A 47 26.88 -14.54 -38.20
N ASP A 48 27.82 -13.94 -37.47
CA ASP A 48 29.16 -14.51 -37.35
C ASP A 48 29.08 -15.69 -36.37
N GLU A 49 29.44 -16.88 -36.86
CA GLU A 49 29.34 -18.07 -36.02
C GLU A 49 30.28 -17.99 -34.82
N SER A 50 31.46 -17.38 -35.01
CA SER A 50 32.39 -17.23 -33.90
C SER A 50 31.82 -16.31 -32.83
N ILE A 51 31.17 -15.23 -33.24
CA ILE A 51 30.66 -14.25 -32.27
C ILE A 51 29.48 -14.82 -31.49
N VAL A 52 28.57 -15.52 -32.18
CA VAL A 52 27.34 -15.97 -31.53
C VAL A 52 27.64 -17.05 -30.49
N LYS A 53 28.61 -17.93 -30.76
CA LYS A 53 28.94 -18.97 -29.80
C LYS A 53 29.70 -18.42 -28.59
N ARG A 54 30.34 -17.26 -28.73
CA ARG A 54 31.02 -16.64 -27.61
C ARG A 54 30.08 -15.78 -26.77
N VAL A 55 29.13 -15.10 -27.40
CA VAL A 55 28.15 -14.32 -26.67
C VAL A 55 27.27 -15.24 -25.82
N PHE A 56 26.79 -16.34 -26.42
CA PHE A 56 25.94 -17.26 -25.68
C PHE A 56 26.70 -18.01 -24.60
N LYS A 57 28.00 -18.23 -24.79
CA LYS A 57 28.81 -18.83 -23.73
C LYS A 57 28.83 -17.93 -22.50
N GLU A 58 28.98 -16.61 -22.70
CA GLU A 58 28.99 -15.67 -21.60
C GLU A 58 27.60 -15.40 -21.06
N ILE A 59 26.57 -15.44 -21.92
CA ILE A 59 25.20 -15.16 -21.47
C ILE A 59 24.74 -16.22 -20.48
N ILE A 60 24.99 -17.49 -20.79
CA ILE A 60 24.46 -18.58 -19.96
C ILE A 60 25.12 -18.56 -18.58
N LYS A 61 26.43 -18.36 -18.52
CA LYS A 61 27.09 -18.31 -17.21
C LYS A 61 26.82 -17.01 -16.48
N HIS A 62 26.28 -15.99 -17.14
CA HIS A 62 25.87 -14.77 -16.45
C HIS A 62 24.43 -14.85 -15.94
N HIS A 63 23.59 -15.69 -16.55
CA HIS A 63 22.23 -15.95 -16.08
C HIS A 63 22.19 -17.43 -15.70
N ASP A 64 22.53 -17.71 -14.43
CA ASP A 64 22.83 -19.07 -14.00
C ASP A 64 21.62 -20.00 -14.06
N ALA A 65 20.41 -19.46 -14.19
CA ALA A 65 19.23 -20.31 -14.24
C ALA A 65 19.25 -21.21 -15.47
N LEU A 66 19.88 -20.74 -16.57
CA LEU A 66 19.87 -21.50 -17.81
C LEU A 66 20.59 -22.84 -17.71
N ARG A 67 21.47 -23.01 -16.73
CA ARG A 67 22.23 -24.25 -16.59
C ARG A 67 21.56 -25.27 -15.70
N THR A 68 20.42 -24.96 -15.11
CA THR A 68 19.84 -25.84 -14.10
C THR A 68 19.37 -27.15 -14.72
N VAL A 69 19.27 -28.18 -13.88
CA VAL A 69 18.90 -29.52 -14.29
C VAL A 69 17.87 -30.06 -13.31
N PHE A 70 16.84 -30.72 -13.84
CA PHE A 70 15.79 -31.34 -13.04
C PHE A 70 15.95 -32.86 -13.13
N THR A 71 16.21 -33.51 -12.00
CA THR A 71 16.35 -34.95 -11.93
C THR A 71 15.32 -35.52 -10.97
N GLU A 72 14.94 -36.78 -11.21
CA GLU A 72 13.88 -37.43 -10.46
C GLU A 72 14.43 -38.57 -9.62
N GLU A 73 13.96 -38.66 -8.38
CA GLU A 73 14.36 -39.71 -7.45
C GLU A 73 13.10 -40.36 -6.88
N ASP A 74 12.71 -41.51 -7.44
CA ASP A 74 11.56 -42.27 -6.95
C ASP A 74 10.28 -41.43 -6.93
N GLY A 75 10.12 -40.60 -7.96
CA GLY A 75 8.95 -39.76 -8.10
C GLY A 75 9.11 -38.34 -7.61
N LYS A 76 10.11 -38.07 -6.79
CA LYS A 76 10.37 -36.72 -6.31
C LYS A 76 11.34 -36.01 -7.25
N ILE A 77 11.18 -34.69 -7.34
CA ILE A 77 11.97 -33.87 -8.25
C ILE A 77 12.94 -33.03 -7.44
N ILE A 78 14.22 -33.12 -7.77
CA ILE A 78 15.26 -32.31 -7.17
C ILE A 78 15.87 -31.44 -8.26
N GLN A 79 15.86 -30.13 -8.05
CA GLN A 79 16.37 -29.18 -9.04
C GLN A 79 17.79 -28.76 -8.64
N TYR A 80 18.72 -28.88 -9.60
CA TYR A 80 20.11 -28.58 -9.36
C TYR A 80 20.59 -27.58 -10.40
N ASN A 81 21.43 -26.63 -9.98
CA ASN A 81 22.00 -25.63 -10.86
C ASN A 81 23.43 -26.06 -11.20
N ARG A 82 23.71 -26.26 -12.48
CA ARG A 82 25.00 -26.75 -12.91
C ARG A 82 26.02 -25.62 -12.96
N GLY A 83 27.30 -26.01 -12.90
CA GLY A 83 28.38 -25.05 -12.95
C GLY A 83 28.70 -24.61 -14.36
N PRO A 84 29.49 -23.54 -14.47
CA PRO A 84 29.85 -23.02 -15.80
C PRO A 84 30.69 -23.99 -16.62
N ASP A 85 31.35 -24.97 -16.00
CA ASP A 85 32.26 -25.84 -16.73
C ASP A 85 31.55 -26.97 -17.46
N LYS A 86 30.26 -27.16 -17.24
CA LYS A 86 29.52 -28.24 -17.89
C LYS A 86 28.97 -27.78 -19.24
N GLN A 87 28.25 -28.68 -19.91
CA GLN A 87 27.65 -28.37 -21.20
C GLN A 87 26.62 -27.26 -21.06
N LEU A 88 26.91 -26.10 -21.63
CA LEU A 88 26.04 -24.94 -21.47
C LEU A 88 24.97 -24.85 -22.55
N PHE A 89 25.32 -25.10 -23.80
CA PHE A 89 24.35 -25.04 -24.90
C PHE A 89 24.88 -25.84 -26.08
N ASP A 90 23.99 -26.11 -27.02
CA ASP A 90 24.33 -26.77 -28.27
C ASP A 90 24.00 -25.84 -29.43
N LEU A 91 24.98 -25.60 -30.29
CA LEU A 91 24.83 -24.70 -31.43
C LEU A 91 24.92 -25.51 -32.72
N PHE A 92 23.88 -25.40 -33.55
CA PHE A 92 23.83 -26.08 -34.84
C PHE A 92 23.75 -25.04 -35.94
N VAL A 93 24.45 -25.28 -37.04
CA VAL A 93 24.52 -24.37 -38.18
C VAL A 93 24.02 -25.09 -39.41
N TYR A 94 23.13 -24.46 -40.17
CA TYR A 94 22.55 -25.04 -41.36
C TYR A 94 22.64 -24.05 -42.53
N ASP A 95 22.71 -24.60 -43.74
CA ASP A 95 22.75 -23.81 -44.96
C ASP A 95 21.53 -24.17 -45.79
N VAL A 96 20.53 -23.30 -45.78
CA VAL A 96 19.29 -23.49 -46.53
C VAL A 96 19.20 -22.52 -47.70
N SER A 97 20.33 -21.93 -48.11
CA SER A 97 20.33 -20.99 -49.21
C SER A 97 19.96 -21.66 -50.53
N SER A 98 20.47 -22.87 -50.77
CA SER A 98 20.28 -23.57 -52.04
C SER A 98 19.05 -24.45 -52.06
N GLU A 99 18.29 -24.51 -50.97
CA GLU A 99 17.11 -25.38 -50.94
C GLU A 99 16.04 -24.90 -51.90
N ASN A 100 15.86 -23.57 -52.00
CA ASN A 100 14.80 -22.89 -52.75
C ASN A 100 13.42 -23.13 -52.14
N ASP A 101 13.32 -23.93 -51.09
CA ASP A 101 12.11 -24.12 -50.31
C ASP A 101 12.41 -23.88 -48.84
N GLN A 102 13.09 -22.77 -48.57
CA GLN A 102 13.61 -22.52 -47.23
C GLN A 102 12.56 -22.53 -46.11
N PRO A 103 11.37 -21.92 -46.25
CA PRO A 103 10.42 -21.98 -45.14
C PRO A 103 10.00 -23.40 -44.79
N GLN A 104 9.97 -24.31 -45.77
CA GLN A 104 9.65 -25.69 -45.49
C GLN A 104 10.81 -26.39 -44.77
N LYS A 105 12.05 -26.11 -45.20
CA LYS A 105 13.21 -26.80 -44.64
C LYS A 105 13.56 -26.29 -43.24
N VAL A 106 13.46 -24.98 -43.01
CA VAL A 106 13.81 -24.44 -41.71
C VAL A 106 12.78 -24.88 -40.66
N TYR A 107 11.51 -24.96 -41.05
CA TYR A 107 10.47 -25.33 -40.09
C TYR A 107 10.66 -26.76 -39.61
N GLN A 108 10.94 -27.69 -40.53
CA GLN A 108 11.15 -29.08 -40.12
C GLN A 108 12.42 -29.24 -39.31
N LEU A 109 13.46 -28.46 -39.61
CA LEU A 109 14.67 -28.50 -38.80
C LEU A 109 14.44 -27.89 -37.43
N ALA A 110 13.75 -26.75 -37.37
CA ALA A 110 13.51 -26.09 -36.10
C ALA A 110 12.63 -26.94 -35.18
N THR A 111 11.59 -27.57 -35.74
CA THR A 111 10.70 -28.39 -34.93
C THR A 111 11.43 -29.60 -34.36
N GLU A 112 12.28 -30.24 -35.17
CA GLU A 112 13.04 -31.39 -34.69
C GLU A 112 13.98 -30.99 -33.56
N LEU A 113 14.67 -29.86 -33.70
CA LEU A 113 15.57 -29.40 -32.65
C LEU A 113 14.82 -28.91 -31.42
N GLN A 114 13.55 -28.54 -31.57
CA GLN A 114 12.76 -28.08 -30.44
C GLN A 114 12.27 -29.21 -29.55
N GLN A 115 12.38 -30.45 -30.01
CA GLN A 115 11.97 -31.62 -29.23
C GLN A 115 13.17 -32.42 -28.73
N SER A 116 14.39 -31.93 -28.95
CA SER A 116 15.60 -32.65 -28.59
C SER A 116 16.09 -32.32 -27.18
N ILE A 117 15.37 -31.48 -26.44
CA ILE A 117 15.84 -31.04 -25.14
C ILE A 117 15.62 -32.16 -24.12
N ASP A 118 16.68 -32.56 -23.44
CA ASP A 118 16.63 -33.51 -22.33
C ASP A 118 16.90 -32.75 -21.05
N ILE A 119 15.88 -32.68 -20.17
CA ILE A 119 16.02 -31.92 -18.94
C ILE A 119 17.04 -32.55 -18.01
N GLU A 120 17.10 -33.88 -17.98
CA GLU A 120 17.99 -34.57 -17.05
C GLU A 120 19.45 -34.40 -17.44
N THR A 121 19.77 -34.47 -18.73
CA THR A 121 21.16 -34.42 -19.17
C THR A 121 21.46 -33.20 -20.03
N GLY A 122 20.72 -32.99 -21.11
CA GLY A 122 21.02 -31.94 -22.05
C GLY A 122 20.85 -30.55 -21.49
N PRO A 123 21.64 -29.59 -21.99
CA PRO A 123 21.47 -28.20 -21.58
C PRO A 123 20.13 -27.65 -22.04
N LEU A 124 19.58 -26.75 -21.23
CA LEU A 124 18.24 -26.21 -21.48
C LEU A 124 18.23 -25.13 -22.56
N VAL A 125 19.39 -24.71 -23.06
CA VAL A 125 19.49 -23.73 -24.12
C VAL A 125 20.07 -24.41 -25.35
N LYS A 126 19.38 -24.30 -26.47
CA LYS A 126 19.85 -24.86 -27.73
C LYS A 126 19.64 -23.83 -28.84
N LEU A 127 20.56 -23.83 -29.80
CA LEU A 127 20.59 -22.81 -30.84
C LEU A 127 20.62 -23.46 -32.22
N ALA A 128 20.15 -22.71 -33.21
CA ALA A 128 20.16 -23.16 -34.60
C ALA A 128 20.36 -21.94 -35.49
N LEU A 129 21.49 -21.90 -36.20
CA LEU A 129 21.80 -20.80 -37.10
C LEU A 129 21.56 -21.27 -38.53
N PHE A 130 20.67 -20.58 -39.24
CA PHE A 130 20.32 -20.91 -40.62
C PHE A 130 20.95 -19.87 -41.54
N LYS A 131 21.65 -20.35 -42.58
CA LYS A 131 22.36 -19.49 -43.51
C LYS A 131 21.63 -19.45 -44.84
N THR A 132 21.39 -18.24 -45.35
CA THR A 132 20.73 -18.02 -46.62
C THR A 132 21.49 -16.96 -47.39
N ASN A 133 21.39 -17.01 -48.72
CA ASN A 133 22.06 -16.03 -49.55
C ASN A 133 21.54 -14.61 -49.33
N ASN A 134 20.36 -14.46 -48.75
CA ASN A 134 19.76 -13.15 -48.48
C ASN A 134 19.69 -12.85 -46.99
N GLY A 135 20.66 -13.33 -46.22
CA GLY A 135 20.72 -13.10 -44.80
C GLY A 135 20.80 -14.39 -44.01
N ASP A 136 21.05 -14.24 -42.71
CA ASP A 136 21.18 -15.36 -41.80
C ASP A 136 20.10 -15.30 -40.74
N HIS A 137 19.66 -16.49 -40.31
CA HIS A 137 18.62 -16.63 -39.29
C HIS A 137 19.18 -17.38 -38.10
N LEU A 138 18.89 -16.88 -36.90
CA LEU A 138 19.32 -17.51 -35.66
C LEU A 138 18.10 -17.94 -34.86
N LEU A 139 18.07 -19.21 -34.46
CA LEU A 139 16.98 -19.76 -33.67
C LEU A 139 17.47 -19.96 -32.23
N ILE A 140 16.71 -19.43 -31.28
CA ILE A 140 17.03 -19.55 -29.86
C ILE A 140 15.90 -20.30 -29.19
N ILE A 141 16.22 -21.47 -28.63
CA ILE A 141 15.24 -22.31 -27.93
C ILE A 141 15.70 -22.46 -26.50
N ILE A 142 14.89 -21.98 -25.56
CA ILE A 142 15.18 -22.07 -24.14
C ILE A 142 13.97 -22.67 -23.45
N HIS A 143 14.19 -23.69 -22.61
CA HIS A 143 13.10 -24.34 -21.92
C HIS A 143 12.41 -23.34 -20.99
N HIS A 144 11.08 -23.46 -20.89
CA HIS A 144 10.29 -22.48 -20.17
C HIS A 144 10.55 -22.49 -18.67
N LEU A 145 11.19 -23.53 -18.14
CA LEU A 145 11.45 -23.62 -16.71
C LEU A 145 12.49 -22.62 -16.23
N VAL A 146 13.21 -21.94 -17.13
CA VAL A 146 14.30 -21.06 -16.74
C VAL A 146 14.16 -19.70 -17.40
N VAL A 147 13.00 -19.42 -17.99
CA VAL A 147 12.79 -18.16 -18.70
C VAL A 147 11.30 -17.88 -18.74
N ASP A 148 10.95 -16.59 -18.73
CA ASP A 148 9.58 -16.15 -18.93
C ASP A 148 9.62 -14.95 -19.89
N GLY A 149 8.49 -14.25 -20.00
CA GLY A 149 8.41 -13.17 -20.96
C GLY A 149 9.38 -12.03 -20.65
N ILE A 150 9.43 -11.61 -19.40
CA ILE A 150 10.32 -10.51 -19.02
C ILE A 150 11.79 -10.95 -19.12
N SER A 151 12.08 -12.21 -18.80
CA SER A 151 13.46 -12.68 -18.84
C SER A 151 14.05 -12.57 -20.23
N TRP A 152 13.26 -12.91 -21.26
CA TRP A 152 13.78 -12.81 -22.62
C TRP A 152 14.05 -11.37 -23.01
N ARG A 153 13.24 -10.43 -22.53
CA ARG A 153 13.52 -9.02 -22.77
C ARG A 153 14.88 -8.63 -22.21
N ILE A 154 15.21 -9.16 -21.02
CA ILE A 154 16.54 -8.95 -20.45
C ILE A 154 17.61 -9.59 -21.33
N LEU A 155 17.34 -10.81 -21.82
CA LEU A 155 18.31 -11.52 -22.64
C LEU A 155 18.58 -10.79 -23.94
N PHE A 156 17.54 -10.22 -24.55
CA PHE A 156 17.71 -9.52 -25.82
C PHE A 156 18.63 -8.31 -25.66
N GLU A 157 18.47 -7.54 -24.59
CA GLU A 157 19.29 -6.37 -24.38
C GLU A 157 20.76 -6.75 -24.19
N ASP A 158 21.02 -7.77 -23.37
CA ASP A 158 22.40 -8.20 -23.15
C ASP A 158 23.04 -8.74 -24.42
N LEU A 159 22.28 -9.53 -25.18
CA LEU A 159 22.81 -10.06 -26.44
C LEU A 159 23.10 -8.94 -27.44
N ALA A 160 22.19 -7.97 -27.55
CA ALA A 160 22.41 -6.85 -28.46
C ALA A 160 23.64 -6.04 -28.06
N ILE A 161 23.80 -5.78 -26.76
CA ILE A 161 25.00 -5.09 -26.28
C ILE A 161 26.21 -6.00 -26.45
N GLY A 162 26.07 -7.29 -26.14
CA GLY A 162 27.20 -8.20 -26.25
C GLY A 162 27.66 -8.40 -27.67
N TYR A 163 26.72 -8.59 -28.61
CA TYR A 163 27.10 -8.81 -30.00
C TYR A 163 27.76 -7.57 -30.61
N SER A 164 27.21 -6.38 -30.33
CA SER A 164 27.75 -5.16 -30.92
C SER A 164 29.16 -4.88 -30.40
N GLN A 165 29.38 -5.06 -29.10
CA GLN A 165 30.70 -4.78 -28.53
C GLN A 165 31.71 -5.86 -28.91
N LEU A 166 31.27 -7.12 -28.98
CA LEU A 166 32.19 -8.18 -29.38
C LEU A 166 32.56 -8.07 -30.85
N ALA A 167 31.63 -7.61 -31.69
CA ALA A 167 31.95 -7.39 -33.10
C ALA A 167 32.92 -6.23 -33.29
N ASN A 168 33.03 -5.34 -32.31
CA ASN A 168 33.97 -4.23 -32.36
C ASN A 168 35.32 -4.58 -31.74
N GLY A 169 35.47 -5.79 -31.20
CA GLY A 169 36.74 -6.27 -30.69
C GLY A 169 36.85 -6.28 -29.17
N GLU A 170 36.00 -5.56 -28.46
CA GLU A 170 36.09 -5.51 -27.02
C GLU A 170 35.53 -6.79 -26.40
N LYS A 171 35.96 -7.07 -25.17
CA LYS A 171 35.42 -8.20 -24.43
C LYS A 171 34.00 -7.90 -23.97
N VAL A 172 33.17 -8.94 -23.95
CA VAL A 172 31.77 -8.80 -23.55
C VAL A 172 31.70 -8.63 -22.04
N GLU A 173 30.95 -7.63 -21.59
CA GLU A 173 30.72 -7.38 -20.16
C GLU A 173 29.31 -6.88 -19.99
N PHE A 174 28.46 -7.69 -19.37
CA PHE A 174 27.06 -7.35 -19.20
C PHE A 174 26.87 -6.49 -17.96
N TYR A 175 25.63 -6.07 -17.73
CA TYR A 175 25.29 -5.30 -16.54
C TYR A 175 25.43 -6.16 -15.29
N PRO A 176 25.64 -5.55 -14.13
CA PRO A 176 25.84 -6.33 -12.90
C PRO A 176 24.64 -7.22 -12.60
N LYS A 177 24.93 -8.42 -12.12
CA LYS A 177 23.89 -9.40 -11.87
C LYS A 177 23.08 -9.03 -10.62
N THR A 178 21.77 -9.23 -10.70
CA THR A 178 20.89 -9.01 -9.57
C THR A 178 20.76 -10.32 -8.79
N ALA A 179 19.83 -10.38 -7.84
CA ALA A 179 19.71 -11.55 -6.98
C ALA A 179 19.36 -12.78 -7.81
N SER A 180 19.97 -13.90 -7.47
CA SER A 180 19.82 -15.12 -8.24
C SER A 180 18.42 -15.71 -8.07
N TYR A 181 18.03 -16.53 -9.05
CA TYR A 181 16.79 -17.29 -8.93
C TYR A 181 16.83 -18.22 -7.74
N GLN A 182 18.02 -18.71 -7.38
CA GLN A 182 18.15 -19.56 -6.19
C GLN A 182 17.82 -18.78 -4.93
N ALA A 183 18.30 -17.53 -4.83
CA ALA A 183 17.95 -16.68 -3.70
C ALA A 183 16.47 -16.32 -3.73
N TYR A 184 15.93 -16.07 -4.92
CA TYR A 184 14.50 -15.74 -5.05
C TYR A 184 13.63 -16.90 -4.59
N ALA A 185 13.99 -18.13 -4.98
CA ALA A 185 13.20 -19.29 -4.59
C ALA A 185 13.23 -19.49 -3.08
N ARG A 186 14.39 -19.31 -2.45
CA ARG A 186 14.47 -19.43 -1.00
C ARG A 186 13.78 -18.27 -0.30
N HIS A 187 13.68 -17.12 -0.96
CA HIS A 187 13.03 -15.96 -0.35
C HIS A 187 11.53 -16.17 -0.23
N ILE A 188 10.89 -16.62 -1.31
CA ILE A 188 9.44 -16.85 -1.28
C ILE A 188 9.11 -18.04 -0.39
N ALA A 189 9.98 -19.04 -0.34
CA ALA A 189 9.74 -20.19 0.54
C ALA A 189 9.74 -19.77 2.00
N GLU A 190 10.64 -18.86 2.38
CA GLU A 190 10.63 -18.32 3.73
C GLU A 190 9.37 -17.49 3.97
N TYR A 191 8.95 -16.73 2.95
CA TYR A 191 7.72 -15.96 3.06
C TYR A 191 6.47 -16.85 3.08
N ALA A 192 6.62 -18.13 2.71
CA ALA A 192 5.47 -19.03 2.73
C ALA A 192 4.95 -19.28 4.14
N LYS A 193 5.83 -19.28 5.13
CA LYS A 193 5.45 -19.51 6.51
C LYS A 193 5.32 -18.22 7.32
N SER A 194 5.38 -17.07 6.67
CA SER A 194 5.16 -15.80 7.36
C SER A 194 3.67 -15.62 7.68
N VAL A 195 3.39 -15.00 8.82
CA VAL A 195 2.01 -14.81 9.25
C VAL A 195 1.26 -13.90 8.29
N LYS A 196 1.98 -13.00 7.61
CA LYS A 196 1.33 -12.10 6.67
C LYS A 196 0.69 -12.87 5.52
N LEU A 197 1.38 -13.87 4.99
CA LEU A 197 0.80 -14.67 3.90
C LEU A 197 -0.36 -15.53 4.39
N LEU A 198 -0.20 -16.18 5.55
CA LEU A 198 -1.24 -17.05 6.06
C LEU A 198 -2.51 -16.29 6.44
N SER A 199 -2.43 -14.97 6.58
CA SER A 199 -3.62 -14.17 6.83
C SER A 199 -4.51 -14.05 5.60
N GLU A 200 -4.04 -14.51 4.44
CA GLU A 200 -4.80 -14.45 3.20
C GLU A 200 -5.54 -15.74 2.90
N LYS A 201 -5.51 -16.71 3.81
CA LYS A 201 -6.15 -18.00 3.56
C LYS A 201 -7.65 -17.84 3.32
N GLN A 202 -8.32 -17.04 4.15
CA GLN A 202 -9.77 -16.87 4.02
C GLN A 202 -10.13 -16.19 2.71
N TYR A 203 -9.30 -15.27 2.23
CA TYR A 203 -9.57 -14.62 0.95
C TYR A 203 -9.51 -15.63 -0.20
N TRP A 204 -8.43 -16.42 -0.25
CA TRP A 204 -8.28 -17.37 -1.35
C TRP A 204 -9.24 -18.54 -1.23
N LEU A 205 -9.70 -18.85 -0.02
CA LEU A 205 -10.73 -19.87 0.15
C LEU A 205 -12.03 -19.43 -0.53
N LYS A 206 -12.40 -18.17 -0.37
CA LYS A 206 -13.61 -17.67 -1.03
C LYS A 206 -13.46 -17.70 -2.54
N ALA A 207 -12.28 -17.36 -3.05
CA ALA A 207 -12.06 -17.30 -4.50
C ALA A 207 -12.13 -18.67 -5.15
N ILE A 208 -11.98 -19.75 -4.38
CA ILE A 208 -11.98 -21.11 -4.91
C ILE A 208 -13.09 -21.97 -4.34
N ALA A 209 -13.96 -21.40 -3.49
CA ALA A 209 -14.98 -22.21 -2.81
C ALA A 209 -15.97 -22.81 -3.79
N GLU A 210 -16.41 -22.02 -4.77
CA GLU A 210 -17.45 -22.45 -5.69
C GLU A 210 -16.91 -22.50 -7.12
N GLY A 211 -17.55 -23.32 -7.93
CA GLY A 211 -17.23 -23.45 -9.34
C GLY A 211 -18.31 -22.80 -10.19
N VAL A 212 -17.91 -22.26 -11.34
CA VAL A 212 -18.81 -21.60 -12.27
C VAL A 212 -19.02 -22.52 -13.46
N GLU A 213 -20.30 -22.81 -13.76
CA GLU A 213 -20.60 -23.70 -14.89
C GLU A 213 -20.14 -23.09 -16.20
N PHE A 214 -20.38 -21.80 -16.40
CA PHE A 214 -19.88 -21.04 -17.56
C PHE A 214 -20.43 -21.68 -18.83
N LEU A 215 -19.60 -22.21 -19.71
CA LEU A 215 -20.08 -22.88 -20.91
C LEU A 215 -20.41 -24.33 -20.61
N ASP A 216 -21.24 -24.93 -21.47
CA ASP A 216 -21.58 -26.34 -21.35
C ASP A 216 -20.38 -27.19 -21.71
N MSE A 217 -19.82 -27.88 -20.73
CA MSE A 217 -18.59 -28.65 -20.90
C MSE A 217 -18.91 -30.14 -20.95
O MSE A 217 -19.80 -30.62 -20.25
CB MSE A 217 -17.61 -28.37 -19.75
CG MSE A 217 -16.26 -29.04 -19.92
SE MSE A 217 -15.21 -28.90 -18.46
CE MSE A 217 -16.21 -29.75 -17.24
N ASN A 218 -18.16 -30.86 -21.79
CA ASN A 218 -18.28 -32.31 -21.86
C ASN A 218 -17.55 -32.92 -20.65
N GLU A 219 -18.28 -33.68 -19.84
CA GLU A 219 -17.70 -34.23 -18.61
C GLU A 219 -16.63 -35.27 -18.91
N ASN A 220 -16.70 -35.92 -20.07
CA ASN A 220 -15.75 -36.96 -20.45
C ASN A 220 -14.56 -36.42 -21.24
N ALA A 221 -14.26 -35.13 -21.09
CA ALA A 221 -13.10 -34.56 -21.79
C ALA A 221 -11.78 -35.08 -21.26
N GLY A 222 -11.76 -35.63 -20.04
CA GLY A 222 -10.53 -36.14 -19.48
C GLY A 222 -9.53 -35.03 -19.24
N ALA A 223 -8.28 -35.26 -19.68
CA ALA A 223 -7.21 -34.28 -19.51
C ALA A 223 -7.08 -33.43 -20.77
N PHE A 224 -7.14 -32.11 -20.59
CA PHE A 224 -7.01 -31.20 -21.72
C PHE A 224 -5.56 -31.14 -22.18
N LYS A 225 -5.36 -31.26 -23.49
CA LYS A 225 -4.02 -31.35 -24.06
C LYS A 225 -3.87 -30.38 -25.24
N VAL A 226 -2.62 -30.19 -25.66
CA VAL A 226 -2.33 -29.30 -26.78
C VAL A 226 -2.85 -29.89 -28.08
N GLU A 227 -2.75 -31.22 -28.24
CA GLU A 227 -3.21 -31.86 -29.47
C GLU A 227 -4.71 -31.68 -29.67
N ASP A 228 -5.46 -31.50 -28.59
CA ASP A 228 -6.90 -31.33 -28.63
C ASP A 228 -7.33 -29.87 -28.51
N SER A 229 -6.39 -28.94 -28.64
CA SER A 229 -6.67 -27.52 -28.47
C SER A 229 -6.57 -26.80 -29.81
N ARG A 230 -7.61 -26.03 -30.14
CA ARG A 230 -7.61 -25.16 -31.31
C ARG A 230 -7.69 -23.71 -30.87
N THR A 231 -7.17 -22.82 -31.70
CA THR A 231 -7.12 -21.40 -31.38
C THR A 231 -7.66 -20.60 -32.56
N PHE A 232 -8.61 -19.70 -32.26
CA PHE A 232 -9.12 -18.74 -33.23
C PHE A 232 -9.15 -17.37 -32.57
N SER A 233 -9.11 -16.33 -33.40
CA SER A 233 -9.01 -14.95 -32.93
C SER A 233 -10.17 -14.12 -33.44
N THR A 234 -10.67 -13.23 -32.59
CA THR A 234 -11.68 -12.25 -32.96
C THR A 234 -11.15 -10.85 -32.63
N GLU A 235 -11.63 -9.85 -33.38
CA GLU A 235 -11.09 -8.52 -33.28
C GLU A 235 -12.21 -7.49 -33.19
N LEU A 236 -11.85 -6.32 -32.67
CA LEU A 236 -12.70 -5.14 -32.71
C LEU A 236 -12.16 -4.18 -33.77
N GLU A 237 -13.07 -3.54 -34.49
CA GLU A 237 -12.66 -2.59 -35.52
C GLU A 237 -11.95 -1.41 -34.89
N LYS A 238 -11.30 -0.61 -35.75
CA LYS A 238 -10.44 0.47 -35.25
C LYS A 238 -11.24 1.53 -34.50
N GLU A 239 -12.43 1.85 -35.00
CA GLU A 239 -13.23 2.91 -34.37
C GLU A 239 -13.60 2.54 -32.94
N GLU A 240 -14.13 1.34 -32.74
CA GLU A 240 -14.53 0.92 -31.40
C GLU A 240 -13.32 0.69 -30.50
N THR A 241 -12.20 0.23 -31.06
CA THR A 241 -10.99 0.05 -30.27
C THR A 241 -10.41 1.40 -29.84
N LYS A 242 -10.53 2.42 -30.68
CA LYS A 242 -10.06 3.75 -30.28
C LYS A 242 -10.84 4.28 -29.09
N ARG A 243 -12.15 4.02 -29.04
CA ARG A 243 -12.97 4.46 -27.92
C ARG A 243 -12.50 3.82 -26.61
N LEU A 244 -12.16 2.53 -26.67
CA LEU A 244 -11.69 1.84 -25.47
C LEU A 244 -10.40 2.45 -24.93
N LEU A 245 -9.46 2.73 -25.83
CA LEU A 245 -8.14 3.20 -25.40
C LEU A 245 -8.21 4.62 -24.86
N ARG A 246 -9.02 5.48 -25.46
CA ARG A 246 -9.01 6.92 -25.17
C ARG A 246 -10.15 7.35 -24.24
N GLU A 247 -11.39 7.10 -24.64
CA GLU A 247 -12.55 7.71 -24.01
C GLU A 247 -13.41 6.71 -23.24
N THR A 248 -12.80 5.66 -22.68
CA THR A 248 -13.52 4.68 -21.89
C THR A 248 -13.11 4.68 -20.42
N ASN A 249 -11.81 4.77 -20.13
CA ASN A 249 -11.36 4.73 -18.74
C ASN A 249 -11.79 5.94 -17.93
N ARG A 250 -12.17 7.04 -18.60
CA ARG A 250 -12.51 8.25 -17.87
C ARG A 250 -13.83 8.14 -17.11
N ALA A 251 -14.70 7.19 -17.50
CA ALA A 251 -16.02 7.11 -16.88
C ALA A 251 -15.93 6.76 -15.40
N TYR A 252 -15.04 5.82 -15.04
CA TYR A 252 -14.94 5.38 -13.66
C TYR A 252 -13.50 5.25 -13.18
N HIS A 253 -12.56 5.94 -13.83
CA HIS A 253 -11.14 5.89 -13.46
C HIS A 253 -10.62 4.45 -13.45
N THR A 254 -11.04 3.68 -14.45
CA THR A 254 -10.65 2.28 -14.56
C THR A 254 -9.41 2.15 -15.44
N GLU A 255 -8.91 0.93 -15.53
CA GLU A 255 -7.84 0.57 -16.46
C GLU A 255 -8.38 -0.35 -17.54
N ILE A 256 -7.54 -0.60 -18.54
CA ILE A 256 -7.98 -1.42 -19.69
C ILE A 256 -8.35 -2.82 -19.23
N ASN A 257 -7.61 -3.36 -18.26
CA ASN A 257 -7.90 -4.71 -17.79
C ASN A 257 -9.26 -4.80 -17.11
N ASP A 258 -9.70 -3.70 -16.46
CA ASP A 258 -11.00 -3.71 -15.81
C ASP A 258 -12.12 -3.88 -16.82
N ILE A 259 -12.04 -3.18 -17.95
CA ILE A 259 -13.10 -3.25 -18.95
C ILE A 259 -13.20 -4.64 -19.55
N LEU A 260 -12.04 -5.25 -19.86
CA LEU A 260 -12.05 -6.57 -20.50
C LEU A 260 -12.59 -7.64 -19.57
N ILE A 261 -12.21 -7.61 -18.30
CA ILE A 261 -12.71 -8.59 -17.34
C ILE A 261 -14.20 -8.38 -17.10
N THR A 262 -14.65 -7.12 -17.09
CA THR A 262 -16.07 -6.84 -16.95
C THR A 262 -16.86 -7.44 -18.11
N ALA A 263 -16.32 -7.35 -19.32
CA ALA A 263 -16.98 -7.95 -20.48
C ALA A 263 -17.09 -9.46 -20.34
N LEU A 264 -16.12 -10.10 -19.70
CA LEU A 264 -16.20 -11.54 -19.46
C LEU A 264 -17.39 -11.87 -18.57
N LEU A 265 -17.61 -11.09 -17.51
CA LEU A 265 -18.76 -11.32 -16.64
C LEU A 265 -20.07 -11.02 -17.36
N VAL A 266 -20.11 -9.93 -18.14
CA VAL A 266 -21.33 -9.57 -18.85
C VAL A 266 -21.71 -10.66 -19.86
N ALA A 267 -20.71 -11.18 -20.59
CA ALA A 267 -20.98 -12.25 -21.54
C ALA A 267 -21.51 -13.50 -20.83
N ALA A 268 -20.88 -13.87 -19.72
CA ALA A 268 -21.38 -15.00 -18.93
C ALA A 268 -22.75 -14.71 -18.33
N ARG A 269 -23.00 -13.46 -17.94
CA ARG A 269 -24.29 -13.10 -17.37
C ARG A 269 -25.42 -13.30 -18.37
N ASP A 270 -25.20 -12.94 -19.64
CA ASP A 270 -26.26 -13.00 -20.63
C ASP A 270 -26.63 -14.43 -20.99
N MSE A 271 -25.65 -15.33 -21.02
CA MSE A 271 -25.89 -16.70 -21.49
C MSE A 271 -26.14 -17.68 -20.35
O MSE A 271 -26.98 -18.58 -20.47
CB MSE A 271 -24.72 -17.18 -22.35
CG MSE A 271 -23.41 -17.36 -21.60
SE MSE A 271 -21.94 -17.89 -22.76
CE MSE A 271 -21.56 -16.17 -23.55
N ASN A 272 -25.41 -17.53 -19.24
CA ASN A 272 -25.53 -18.44 -18.12
C ASN A 272 -26.59 -18.02 -17.11
N GLY A 273 -26.94 -16.73 -17.07
CA GLY A 273 -27.95 -16.24 -16.16
C GLY A 273 -27.47 -15.98 -14.75
N GLN A 274 -26.20 -16.23 -14.45
CA GLN A 274 -25.64 -16.01 -13.13
C GLN A 274 -24.64 -14.85 -13.18
N ASN A 275 -24.70 -13.99 -12.17
CA ASN A 275 -23.78 -12.86 -12.05
C ASN A 275 -22.46 -13.23 -11.39
N GLN A 276 -22.12 -14.51 -11.37
CA GLN A 276 -20.87 -14.98 -10.78
C GLN A 276 -19.96 -15.52 -11.88
N LEU A 277 -18.70 -15.10 -11.85
CA LEU A 277 -17.69 -15.54 -12.81
C LEU A 277 -16.38 -15.78 -12.09
N ARG A 278 -15.73 -16.89 -12.40
CA ARG A 278 -14.40 -17.20 -11.89
C ARG A 278 -13.43 -17.35 -13.05
N ILE A 279 -12.31 -16.63 -12.98
CA ILE A 279 -11.27 -16.69 -13.98
C ILE A 279 -9.92 -16.80 -13.28
N THR A 280 -8.92 -17.22 -14.05
CA THR A 280 -7.53 -17.24 -13.60
C THR A 280 -6.77 -16.14 -14.33
N LEU A 281 -5.97 -15.39 -13.59
CA LEU A 281 -5.20 -14.28 -14.14
C LEU A 281 -3.71 -14.55 -14.00
N GLU A 282 -2.94 -14.05 -14.96
CA GLU A 282 -1.49 -14.19 -14.97
C GLU A 282 -0.83 -12.89 -14.55
N GLY A 283 0.05 -12.96 -13.57
CA GLY A 283 0.85 -11.82 -13.17
C GLY A 283 2.31 -12.09 -13.44
N HIS A 284 3.06 -11.02 -13.71
CA HIS A 284 4.49 -11.17 -13.96
C HIS A 284 5.24 -11.64 -12.73
N GLY A 285 4.69 -11.42 -11.54
CA GLY A 285 5.27 -11.97 -10.31
C GLY A 285 6.68 -11.50 -10.03
N ARG A 286 6.98 -10.24 -10.31
CA ARG A 286 8.31 -9.68 -10.07
C ARG A 286 8.34 -8.61 -9.00
N GLU A 287 7.19 -8.30 -8.38
CA GLU A 287 7.16 -7.36 -7.26
C GLU A 287 7.42 -8.11 -5.97
N GLN A 288 8.38 -7.64 -5.19
CA GLN A 288 8.78 -8.34 -3.98
C GLN A 288 7.62 -8.43 -2.99
N VAL A 289 7.35 -9.65 -2.52
CA VAL A 289 6.29 -9.86 -1.55
C VAL A 289 6.65 -9.23 -0.21
N ALA A 290 7.88 -9.43 0.24
CA ALA A 290 8.40 -8.79 1.45
C ALA A 290 9.62 -7.96 1.09
N ASP A 291 9.88 -6.92 1.88
CA ASP A 291 11.00 -6.02 1.62
C ASP A 291 12.31 -6.80 1.63
N GLY A 292 12.97 -6.87 0.47
CA GLY A 292 14.14 -7.71 0.34
C GLY A 292 14.62 -7.89 -1.08
N ILE A 293 14.80 -9.17 -1.47
CA ILE A 293 15.39 -9.51 -2.76
C ILE A 293 14.60 -8.88 -3.91
N ASP A 294 15.33 -8.29 -4.85
CA ASP A 294 14.77 -7.78 -6.09
C ASP A 294 15.31 -8.60 -7.26
N ILE A 295 14.48 -8.72 -8.31
CA ILE A 295 14.79 -9.58 -9.44
C ILE A 295 14.68 -8.80 -10.75
N SER A 296 15.01 -7.50 -10.72
CA SER A 296 14.80 -6.65 -11.88
C SER A 296 15.49 -7.18 -13.12
N ARG A 297 16.68 -7.76 -12.97
CA ARG A 297 17.42 -8.32 -14.10
C ARG A 297 17.50 -9.83 -14.09
N THR A 298 17.12 -10.47 -12.98
CA THR A 298 17.24 -11.93 -12.87
C THR A 298 16.42 -12.63 -13.96
N VAL A 299 17.03 -13.63 -14.59
CA VAL A 299 16.42 -14.40 -15.65
C VAL A 299 15.87 -15.70 -15.06
N GLY A 300 14.60 -15.96 -15.29
CA GLY A 300 13.97 -17.15 -14.77
C GLY A 300 12.47 -17.13 -15.04
N TRP A 301 11.78 -18.06 -14.41
CA TRP A 301 10.32 -18.17 -14.54
C TRP A 301 9.68 -17.59 -13.29
N PHE A 302 9.17 -16.37 -13.41
CA PHE A 302 8.58 -15.66 -12.28
C PHE A 302 7.07 -15.48 -12.44
N THR A 303 6.46 -16.13 -13.43
CA THR A 303 5.02 -15.99 -13.65
C THR A 303 4.26 -16.54 -12.45
N SER A 304 3.28 -15.76 -11.98
CA SER A 304 2.44 -16.15 -10.85
C SER A 304 0.98 -16.17 -11.29
N LYS A 305 0.29 -17.27 -11.02
CA LYS A 305 -1.10 -17.45 -11.38
C LYS A 305 -1.96 -17.48 -10.13
N TYR A 306 -3.11 -16.81 -10.19
CA TYR A 306 -4.05 -16.77 -9.07
C TYR A 306 -5.46 -16.68 -9.62
N PRO A 307 -6.44 -17.24 -8.91
CA PRO A 307 -7.83 -17.10 -9.34
C PRO A 307 -8.51 -15.91 -8.67
N VAL A 308 -9.56 -15.42 -9.33
CA VAL A 308 -10.42 -14.39 -8.78
C VAL A 308 -11.87 -14.80 -9.05
N PHE A 309 -12.68 -14.83 -8.00
CA PHE A 309 -14.09 -15.17 -8.10
C PHE A 309 -14.91 -13.92 -7.80
N ILE A 310 -15.76 -13.52 -8.74
CA ILE A 310 -16.55 -12.31 -8.64
C ILE A 310 -18.02 -12.71 -8.58
N ASP A 311 -18.72 -12.26 -7.55
CA ASP A 311 -20.14 -12.53 -7.37
C ASP A 311 -20.84 -11.21 -7.09
N LEU A 312 -21.69 -10.77 -8.01
CA LEU A 312 -22.37 -9.49 -7.91
C LEU A 312 -23.78 -9.60 -7.34
N GLY A 313 -24.22 -10.80 -6.97
CA GLY A 313 -25.56 -10.96 -6.43
C GLY A 313 -26.61 -10.67 -7.49
N GLN A 314 -27.54 -9.79 -7.14
CA GLN A 314 -28.67 -9.45 -8.01
C GLN A 314 -28.47 -8.14 -8.76
N GLU A 315 -27.30 -7.52 -8.63
CA GLU A 315 -27.05 -6.23 -9.27
C GLU A 315 -26.81 -6.45 -10.76
N THR A 316 -27.60 -5.77 -11.60
CA THR A 316 -27.48 -5.87 -13.04
C THR A 316 -27.23 -4.54 -13.74
N ASP A 317 -27.41 -3.41 -13.03
CA ASP A 317 -27.06 -2.11 -13.59
C ASP A 317 -25.57 -2.09 -13.89
N MSE A 318 -25.21 -2.04 -15.17
CA MSE A 318 -23.82 -2.24 -15.56
C MSE A 318 -22.93 -1.06 -15.17
O MSE A 318 -21.71 -1.20 -15.11
CB MSE A 318 -23.71 -2.50 -17.07
CG MSE A 318 -23.60 -1.26 -17.93
SE MSE A 318 -22.70 -1.68 -19.61
CE MSE A 318 -23.79 -3.19 -20.17
N SER A 319 -23.53 0.09 -14.91
CA SER A 319 -22.76 1.18 -14.31
C SER A 319 -22.26 0.78 -12.92
N ARG A 320 -23.11 0.12 -12.14
CA ARG A 320 -22.66 -0.45 -10.87
C ARG A 320 -21.73 -1.64 -11.10
N THR A 321 -21.98 -2.42 -12.14
CA THR A 321 -21.18 -3.60 -12.41
C THR A 321 -19.72 -3.25 -12.66
N ILE A 322 -19.47 -2.21 -13.46
CA ILE A 322 -18.09 -1.81 -13.76
C ILE A 322 -17.37 -1.38 -12.49
N LYS A 323 -18.07 -0.66 -11.61
CA LYS A 323 -17.45 -0.18 -10.38
C LYS A 323 -17.03 -1.33 -9.47
N MSE A 324 -17.95 -2.26 -9.22
CA MSE A 324 -17.68 -3.33 -8.26
C MSE A 324 -16.77 -4.42 -8.83
O MSE A 324 -16.10 -5.13 -8.09
CB MSE A 324 -18.98 -3.95 -7.75
CG MSE A 324 -19.94 -4.42 -8.82
SE MSE A 324 -21.63 -5.06 -8.05
CE MSE A 324 -22.12 -3.47 -7.03
N VAL A 325 -16.73 -4.54 -10.17
CA VAL A 325 -15.73 -5.41 -10.79
C VAL A 325 -14.35 -4.78 -10.65
N LYS A 326 -14.23 -3.48 -10.86
CA LYS A 326 -12.98 -2.78 -10.63
C LYS A 326 -12.57 -2.88 -9.17
N GLU A 327 -13.52 -2.73 -8.24
CA GLU A 327 -13.21 -2.81 -6.82
C GLU A 327 -12.71 -4.19 -6.44
N HIS A 328 -13.34 -5.24 -6.99
CA HIS A 328 -12.90 -6.59 -6.68
C HIS A 328 -11.46 -6.83 -7.13
N LEU A 329 -11.11 -6.33 -8.31
CA LEU A 329 -9.73 -6.44 -8.78
C LEU A 329 -8.79 -5.60 -7.94
N ARG A 330 -9.27 -4.49 -7.36
CA ARG A 330 -8.44 -3.68 -6.49
C ARG A 330 -8.25 -4.31 -5.11
N ASN A 331 -9.02 -5.35 -4.78
CA ASN A 331 -8.97 -5.98 -3.46
C ASN A 331 -8.10 -7.23 -3.45
N VAL A 332 -7.40 -7.54 -4.54
CA VAL A 332 -6.51 -8.71 -4.52
C VAL A 332 -5.28 -8.40 -3.67
N PRO A 333 -4.94 -9.23 -2.69
CA PRO A 333 -3.79 -8.93 -1.83
C PRO A 333 -2.49 -9.34 -2.50
N ASN A 334 -1.50 -8.45 -2.44
CA ASN A 334 -0.15 -8.71 -2.91
C ASN A 334 -0.12 -9.11 -4.39
N LYS A 335 -1.07 -8.58 -5.16
CA LYS A 335 -1.12 -8.78 -6.62
C LYS A 335 -1.26 -10.26 -6.99
N GLY A 336 -1.82 -11.06 -6.09
CA GLY A 336 -2.10 -12.45 -6.38
C GLY A 336 -0.94 -13.41 -6.21
N ILE A 337 0.24 -12.92 -5.81
CA ILE A 337 1.37 -13.80 -5.60
C ILE A 337 1.13 -14.74 -4.43
N GLY A 338 0.26 -14.35 -3.49
CA GLY A 338 0.05 -15.17 -2.30
C GLY A 338 -0.54 -16.54 -2.61
N TYR A 339 -1.44 -16.60 -3.59
CA TYR A 339 -2.13 -17.87 -3.86
C TYR A 339 -1.15 -18.94 -4.31
N GLY A 340 -0.22 -18.60 -5.21
CA GLY A 340 0.74 -19.58 -5.68
C GLY A 340 1.63 -20.09 -4.56
N ILE A 341 2.11 -19.19 -3.71
CA ILE A 341 2.94 -19.60 -2.58
C ILE A 341 2.13 -20.44 -1.59
N LEU A 342 0.89 -20.02 -1.31
CA LEU A 342 0.06 -20.74 -0.36
C LEU A 342 -0.32 -22.12 -0.86
N LYS A 343 -0.44 -22.30 -2.17
CA LYS A 343 -0.91 -23.58 -2.72
C LYS A 343 0.20 -24.62 -2.76
N TYR A 344 1.41 -24.23 -3.19
CA TYR A 344 2.49 -25.18 -3.42
C TYR A 344 3.59 -25.15 -2.38
N LEU A 345 3.85 -24.00 -1.75
CA LEU A 345 4.90 -23.93 -0.75
C LEU A 345 4.38 -24.14 0.68
N THR A 346 3.16 -23.69 0.97
CA THR A 346 2.55 -23.94 2.27
C THR A 346 1.71 -25.21 2.27
N ARG A 347 1.15 -25.58 1.13
CA ARG A 347 0.39 -26.83 0.97
C ARG A 347 -0.81 -26.88 1.91
N ASP A 348 -1.64 -25.84 1.86
CA ASP A 348 -2.89 -25.85 2.59
C ASP A 348 -3.85 -26.81 1.90
N SER A 349 -4.38 -27.79 2.64
CA SER A 349 -5.24 -28.80 2.05
C SER A 349 -6.52 -28.17 1.51
N GLU A 350 -7.06 -27.18 2.21
CA GLU A 350 -8.28 -26.51 1.74
C GLU A 350 -8.04 -25.77 0.44
N ILE A 351 -6.85 -25.18 0.28
CA ILE A 351 -6.52 -24.49 -0.96
C ILE A 351 -6.45 -25.48 -2.13
N ALA A 352 -5.89 -26.66 -1.89
CA ALA A 352 -5.67 -27.63 -2.97
C ALA A 352 -6.96 -28.27 -3.47
N LYS A 353 -8.10 -28.05 -2.79
CA LYS A 353 -9.36 -28.66 -3.17
C LYS A 353 -10.28 -27.71 -3.92
N GLY A 354 -9.81 -26.52 -4.28
CA GLY A 354 -10.64 -25.57 -4.99
C GLY A 354 -11.00 -26.05 -6.37
N ALA A 355 -12.17 -25.63 -6.84
CA ALA A 355 -12.63 -25.97 -8.18
C ALA A 355 -11.75 -25.33 -9.23
N ALA A 356 -11.65 -25.97 -10.38
CA ALA A 356 -10.85 -25.44 -11.47
C ALA A 356 -11.55 -24.26 -12.14
N SER A 357 -10.78 -23.24 -12.49
CA SER A 357 -11.32 -22.10 -13.22
C SER A 357 -11.57 -22.48 -14.67
N PRO A 358 -12.77 -22.26 -15.20
CA PRO A 358 -13.05 -22.67 -16.58
C PRO A 358 -12.25 -21.91 -17.63
N ILE A 359 -11.72 -20.74 -17.31
CA ILE A 359 -11.10 -19.87 -18.31
C ILE A 359 -9.90 -19.15 -17.69
N LEU A 360 -8.83 -19.01 -18.48
CA LEU A 360 -7.65 -18.25 -18.12
C LEU A 360 -7.58 -17.00 -18.97
N PHE A 361 -7.50 -15.84 -18.32
CA PHE A 361 -7.51 -14.55 -18.99
C PHE A 361 -6.19 -13.83 -18.76
N ASN A 362 -5.73 -13.11 -19.79
CA ASN A 362 -4.48 -12.37 -19.71
C ASN A 362 -4.48 -11.28 -20.78
N TYR A 363 -4.15 -10.06 -20.38
CA TYR A 363 -4.08 -8.92 -21.28
C TYR A 363 -2.62 -8.47 -21.36
N LEU A 364 -2.02 -8.63 -22.55
CA LEU A 364 -0.60 -8.34 -22.70
C LEU A 364 -0.32 -6.85 -22.81
N GLY A 365 -1.21 -6.08 -23.45
CA GLY A 365 -1.07 -4.65 -23.54
C GLY A 365 -0.89 -4.19 -24.98
N GLN A 366 -0.08 -3.15 -25.16
CA GLN A 366 0.16 -2.55 -26.46
C GLN A 366 1.50 -2.98 -27.03
N LEU A 367 1.60 -2.94 -28.35
CA LEU A 367 2.83 -3.34 -29.03
C LEU A 367 3.38 -2.21 -29.90
N SER A 377 16.75 -7.84 -36.85
CA SER A 377 15.30 -7.65 -36.69
C SER A 377 14.59 -8.99 -36.60
N SER A 378 13.26 -8.94 -36.55
CA SER A 378 12.47 -10.16 -36.45
C SER A 378 12.54 -10.96 -37.74
N SER A 379 12.48 -12.28 -37.59
CA SER A 379 12.56 -13.19 -38.73
C SER A 379 11.16 -13.55 -39.24
N HIS A 380 11.12 -13.94 -40.51
CA HIS A 380 9.88 -14.33 -41.17
C HIS A 380 9.63 -15.83 -41.15
N LEU A 381 10.57 -16.62 -40.62
CA LEU A 381 10.46 -18.07 -40.63
C LEU A 381 9.97 -18.58 -39.29
N SER A 382 9.16 -19.64 -39.33
CA SER A 382 8.55 -20.16 -38.11
C SER A 382 9.61 -20.86 -37.25
N PRO A 383 9.52 -20.74 -35.92
CA PRO A 383 10.45 -21.45 -35.04
C PRO A 383 10.01 -22.86 -34.68
N GLY A 384 8.83 -23.29 -35.10
CA GLY A 384 8.33 -24.62 -34.78
C GLY A 384 7.41 -24.61 -33.58
N GLU A 385 6.88 -25.80 -33.29
CA GLU A 385 5.97 -25.98 -32.16
C GLU A 385 6.76 -26.01 -30.86
N ALA A 386 6.44 -25.09 -29.95
CA ALA A 386 7.17 -24.94 -28.70
C ALA A 386 6.63 -25.83 -27.59
N ALA A 387 5.53 -26.54 -27.82
CA ALA A 387 4.92 -27.38 -26.80
C ALA A 387 4.60 -28.75 -27.38
N GLY A 388 4.57 -29.75 -26.49
CA GLY A 388 4.25 -31.10 -26.91
C GLY A 388 2.76 -31.37 -26.89
N LYS A 389 2.37 -32.36 -27.70
CA LYS A 389 0.96 -32.75 -27.75
C LYS A 389 0.51 -33.40 -26.46
N GLY A 390 1.43 -34.05 -25.75
CA GLY A 390 1.14 -34.64 -24.46
C GLY A 390 1.11 -33.68 -23.29
N ILE A 391 1.45 -32.41 -23.53
CA ILE A 391 1.43 -31.42 -22.45
C ILE A 391 -0.01 -31.17 -22.03
N THR A 392 -0.27 -31.26 -20.72
CA THR A 392 -1.60 -31.07 -20.18
C THR A 392 -1.81 -29.61 -19.80
N ARG A 393 -2.93 -29.05 -20.22
CA ARG A 393 -3.30 -27.67 -19.92
C ARG A 393 -4.49 -27.67 -18.98
N GLU A 394 -4.39 -26.92 -17.89
CA GLU A 394 -5.40 -26.97 -16.83
C GLU A 394 -6.64 -26.15 -17.14
N HIS A 395 -6.63 -25.34 -18.20
CA HIS A 395 -7.76 -24.47 -18.52
C HIS A 395 -8.37 -24.87 -19.86
N PRO A 396 -9.65 -25.23 -19.92
CA PRO A 396 -10.29 -25.48 -21.22
C PRO A 396 -10.30 -24.25 -22.11
N LEU A 397 -10.39 -23.05 -21.55
CA LEU A 397 -10.46 -21.81 -22.31
C LEU A 397 -9.33 -20.88 -21.91
N GLU A 398 -8.75 -20.22 -22.91
CA GLU A 398 -7.73 -19.20 -22.70
C GLU A 398 -8.04 -18.01 -23.59
N ILE A 399 -8.01 -16.81 -23.02
CA ILE A 399 -8.28 -15.57 -23.75
C ILE A 399 -7.08 -14.66 -23.59
N ASN A 400 -6.53 -14.21 -24.72
CA ASN A 400 -5.44 -13.25 -24.76
C ASN A 400 -5.87 -12.05 -25.60
N ALA A 401 -5.77 -10.86 -25.01
CA ALA A 401 -6.17 -9.62 -25.67
C ALA A 401 -4.95 -8.77 -25.93
N VAL A 402 -4.75 -8.38 -27.18
CA VAL A 402 -3.63 -7.53 -27.59
C VAL A 402 -4.13 -6.55 -28.63
N VAL A 403 -3.53 -5.36 -28.64
CA VAL A 403 -3.76 -4.36 -29.67
C VAL A 403 -2.52 -4.35 -30.56
N PHE A 404 -2.68 -4.80 -31.81
CA PHE A 404 -1.52 -4.96 -32.68
C PHE A 404 -1.12 -3.61 -33.31
N ARG A 405 -2.01 -3.02 -34.12
CA ARG A 405 -1.78 -1.70 -34.71
C ARG A 405 -2.64 -0.65 -34.03
N GLY A 406 -3.97 -0.74 -34.22
CA GLY A 406 -4.93 0.06 -33.50
C GLY A 406 -6.17 -0.74 -33.16
N LYS A 407 -6.12 -2.07 -33.35
CA LYS A 407 -7.27 -2.93 -33.17
C LYS A 407 -7.00 -4.00 -32.11
N LEU A 408 -8.00 -4.26 -31.28
CA LEU A 408 -7.87 -5.26 -30.22
C LEU A 408 -8.07 -6.65 -30.80
N ALA A 409 -7.03 -7.48 -30.74
CA ALA A 409 -7.08 -8.85 -31.20
C ALA A 409 -7.29 -9.77 -29.99
N ILE A 410 -8.40 -10.50 -29.99
CA ILE A 410 -8.77 -11.37 -28.88
C ILE A 410 -8.50 -12.80 -29.33
N GLN A 411 -7.38 -13.36 -28.87
CA GLN A 411 -6.96 -14.71 -29.22
C GLN A 411 -7.65 -15.69 -28.28
N THR A 412 -8.59 -16.46 -28.79
CA THR A 412 -9.36 -17.41 -28.00
C THR A 412 -8.84 -18.82 -28.25
N THR A 413 -8.36 -19.47 -27.19
CA THR A 413 -7.85 -20.84 -27.26
C THR A 413 -8.78 -21.75 -26.46
N TYR A 414 -9.24 -22.82 -27.10
CA TYR A 414 -10.18 -23.74 -26.48
C TYR A 414 -9.75 -25.18 -26.75
N ASN A 415 -10.18 -26.08 -25.86
CA ASN A 415 -9.94 -27.50 -26.02
C ASN A 415 -11.13 -28.14 -26.72
N THR A 416 -10.85 -28.90 -27.79
CA THR A 416 -11.93 -29.47 -28.58
C THR A 416 -12.77 -30.48 -27.79
N ARG A 417 -12.11 -31.29 -26.95
CA ARG A 417 -12.84 -32.29 -26.19
C ARG A 417 -13.73 -31.64 -25.13
N ALA A 418 -13.36 -30.48 -24.63
CA ALA A 418 -14.15 -29.83 -23.59
C ALA A 418 -15.35 -29.09 -24.17
N TYR A 419 -15.12 -28.27 -25.20
CA TYR A 419 -16.18 -27.50 -25.83
C TYR A 419 -16.14 -27.67 -27.34
N SER A 420 -17.32 -27.59 -27.96
CA SER A 420 -17.41 -27.62 -29.41
C SER A 420 -17.01 -26.27 -29.99
N GLU A 421 -16.63 -26.29 -31.27
CA GLU A 421 -16.16 -25.06 -31.93
C GLU A 421 -17.25 -23.99 -31.99
N ASP A 422 -18.48 -24.39 -32.30
CA ASP A 422 -19.56 -23.41 -32.40
C ASP A 422 -19.85 -22.78 -31.04
N VAL A 423 -19.74 -23.55 -29.96
CA VAL A 423 -19.98 -23.01 -28.63
C VAL A 423 -18.95 -21.94 -28.28
N VAL A 424 -17.68 -22.23 -28.53
CA VAL A 424 -16.62 -21.28 -28.21
C VAL A 424 -16.73 -20.04 -29.09
N ARG A 425 -16.98 -20.23 -30.39
CA ARG A 425 -17.15 -19.08 -31.28
C ARG A 425 -18.37 -18.25 -30.88
N ALA A 426 -19.43 -18.92 -30.41
CA ALA A 426 -20.57 -18.18 -29.88
C ALA A 426 -20.18 -17.37 -28.66
N PHE A 427 -19.38 -17.97 -27.76
CA PHE A 427 -18.92 -17.23 -26.59
C PHE A 427 -18.00 -16.08 -26.98
N ALA A 428 -17.14 -16.29 -27.98
CA ALA A 428 -16.24 -15.22 -28.42
C ALA A 428 -17.02 -14.09 -29.07
N GLN A 429 -18.10 -14.41 -29.79
CA GLN A 429 -18.84 -13.38 -30.52
C GLN A 429 -19.60 -12.47 -29.56
N ASN A 430 -20.33 -13.04 -28.60
CA ASN A 430 -21.09 -12.21 -27.68
C ASN A 430 -20.22 -11.61 -26.58
N TYR A 431 -19.04 -12.18 -26.32
CA TYR A 431 -18.06 -11.47 -25.49
C TYR A 431 -17.60 -10.20 -26.20
N LYS A 432 -17.39 -10.29 -27.52
CA LYS A 432 -17.13 -9.09 -28.30
C LYS A 432 -18.31 -8.11 -28.23
N GLU A 433 -19.53 -8.64 -28.32
CA GLU A 433 -20.71 -7.79 -28.17
C GLU A 433 -20.81 -7.23 -26.77
N ALA A 434 -20.53 -8.06 -25.75
CA ALA A 434 -20.54 -7.57 -24.38
C ALA A 434 -19.48 -6.51 -24.16
N LEU A 435 -18.30 -6.70 -24.74
CA LEU A 435 -17.25 -5.69 -24.64
C LEU A 435 -17.68 -4.38 -25.29
N LYS A 436 -18.32 -4.46 -26.46
CA LYS A 436 -18.81 -3.25 -27.12
C LYS A 436 -19.87 -2.55 -26.27
N ALA A 437 -20.69 -3.34 -25.55
CA ALA A 437 -21.69 -2.75 -24.67
C ALA A 437 -21.03 -1.96 -23.55
N VAL A 438 -19.97 -2.50 -22.95
CA VAL A 438 -19.29 -1.80 -21.88
C VAL A 438 -18.59 -0.55 -22.41
N ILE A 439 -17.97 -0.64 -23.58
CA ILE A 439 -17.24 0.50 -24.14
C ILE A 439 -18.18 1.66 -24.40
N ARG A 440 -19.33 1.39 -25.00
CA ARG A 440 -20.27 2.47 -25.32
C ARG A 440 -20.87 3.07 -24.05
N HIS A 441 -21.03 2.27 -23.00
CA HIS A 441 -21.55 2.79 -21.74
C HIS A 441 -20.58 3.81 -21.13
N CYS A 442 -19.29 3.51 -21.16
CA CYS A 442 -18.29 4.43 -20.61
C CYS A 442 -18.04 5.61 -21.55
N ALA A 443 -18.07 5.38 -22.86
CA ALA A 443 -17.80 6.45 -23.82
C ALA A 443 -18.87 7.53 -23.75
N GLU A 444 -20.14 7.14 -23.65
CA GLU A 444 -21.22 8.10 -23.59
C GLU A 444 -21.46 8.66 -22.19
N ARG A 445 -20.72 8.17 -21.19
CA ARG A 445 -20.83 8.70 -19.84
C ARG A 445 -20.44 10.17 -19.82
N GLU A 446 -21.25 10.99 -19.16
CA GLU A 446 -20.99 12.43 -19.14
C GLU A 446 -19.96 12.80 -18.07
N GLU A 447 -20.26 12.50 -16.82
CA GLU A 447 -19.40 12.87 -15.70
C GLU A 447 -18.55 11.68 -15.25
N THR A 448 -17.37 11.99 -14.73
CA THR A 448 -16.47 10.96 -14.23
C THR A 448 -16.87 10.59 -12.81
N GLU A 449 -17.14 9.30 -12.59
CA GLU A 449 -17.55 8.79 -11.29
C GLU A 449 -16.33 8.19 -10.59
N LYS A 450 -16.00 8.72 -9.42
CA LYS A 450 -14.87 8.21 -8.66
C LYS A 450 -15.29 6.99 -7.83
N THR A 451 -14.33 6.09 -7.62
CA THR A 451 -14.49 4.79 -7.00
C THR A 451 -13.85 4.81 -5.60
N PRO A 452 -14.35 3.99 -4.66
CA PRO A 452 -13.76 3.98 -3.32
C PRO A 452 -12.25 3.75 -3.29
N SER A 453 -11.72 2.90 -4.18
CA SER A 453 -10.27 2.72 -4.23
C SER A 453 -9.55 3.99 -4.70
N ASP A 454 -10.25 4.86 -5.43
CA ASP A 454 -9.62 6.11 -5.86
C ASP A 454 -9.43 7.08 -4.70
N TYR A 455 -10.26 6.98 -3.67
CA TYR A 455 -10.14 7.83 -2.49
C TYR A 455 -9.16 7.28 -1.47
N GLY A 456 -8.56 6.12 -1.72
CA GLY A 456 -7.55 5.54 -0.86
C GLY A 456 -8.06 4.53 0.13
N ASP A 457 -9.37 4.41 0.31
CA ASP A 457 -9.97 3.46 1.26
C ASP A 457 -10.90 2.53 0.48
N LYS A 458 -10.43 1.31 0.24
CA LYS A 458 -11.21 0.31 -0.47
C LYS A 458 -12.16 -0.47 0.43
N GLY A 459 -12.16 -0.17 1.73
CA GLY A 459 -13.09 -0.78 2.66
C GLY A 459 -14.44 -0.13 2.69
N ILE A 460 -14.75 0.73 1.71
CA ILE A 460 -16.03 1.42 1.62
C ILE A 460 -16.81 0.82 0.45
N SER A 461 -18.05 0.40 0.73
CA SER A 461 -18.89 -0.12 -0.33
C SER A 461 -19.33 1.01 -1.27
N LEU A 462 -19.80 0.62 -2.46
CA LEU A 462 -20.28 1.60 -3.42
C LEU A 462 -21.46 2.38 -2.86
N ASP A 463 -22.40 1.70 -2.21
CA ASP A 463 -23.53 2.38 -1.58
C ASP A 463 -23.06 3.30 -0.47
N GLN A 464 -22.10 2.85 0.34
CA GLN A 464 -21.62 3.66 1.46
C GLN A 464 -21.00 4.95 0.97
N LEU A 465 -20.21 4.89 -0.11
CA LEU A 465 -19.64 6.10 -0.68
C LEU A 465 -20.73 7.05 -1.19
N GLU A 466 -21.78 6.49 -1.79
CA GLU A 466 -22.87 7.32 -2.29
C GLU A 466 -23.57 8.05 -1.15
N GLU A 467 -23.78 7.37 -0.02
CA GLU A 467 -24.37 8.03 1.13
C GLU A 467 -23.46 9.12 1.68
N ILE A 468 -22.15 8.85 1.74
CA ILE A 468 -21.19 9.88 2.15
C ILE A 468 -21.23 11.05 1.19
N LYS A 469 -21.28 10.77 -0.12
CA LYS A 469 -21.47 11.84 -1.10
C LYS A 469 -22.81 12.53 -0.90
N LEU A 470 -23.87 11.76 -0.66
CA LEU A 470 -25.18 12.36 -0.43
C LEU A 470 -25.20 13.20 0.84
N LYS A 471 -24.58 12.70 1.91
CA LYS A 471 -24.52 13.46 3.16
C LYS A 471 -23.73 14.76 2.97
N TYR A 472 -22.65 14.70 2.19
CA TYR A 472 -21.81 15.87 1.90
C TYR A 472 -22.06 16.40 0.51
N LYS A 473 -23.31 16.41 0.06
CA LYS A 473 -23.63 16.89 -1.28
C LYS A 473 -23.32 18.37 -1.40
N GLY A 474 -22.99 18.80 -2.62
CA GLY A 474 -22.51 20.15 -2.85
C GLY A 474 -21.05 20.34 -2.52
N MSE A 475 -20.35 19.31 -2.09
CA MSE A 475 -18.94 19.38 -1.76
C MSE A 475 -18.17 18.25 -2.43
O MSE A 475 -18.67 17.13 -2.53
CB MSE A 475 -18.73 19.32 -0.24
CG MSE A 475 -19.28 20.51 0.52
SE MSE A 475 -19.09 20.28 2.45
CE MSE A 475 -19.63 22.07 3.02
N GLU A 476 -16.97 18.55 -2.91
CA GLU A 476 -16.11 17.55 -3.53
C GLU A 476 -15.24 16.90 -2.46
N ILE A 477 -15.30 15.58 -2.37
CA ILE A 477 -14.52 14.84 -1.38
C ILE A 477 -13.10 14.63 -1.93
N GLU A 478 -12.11 15.01 -1.14
CA GLU A 478 -10.71 14.89 -1.56
C GLU A 478 -10.15 13.50 -1.24
N LYS A 479 -10.13 13.14 0.04
CA LYS A 479 -9.62 11.85 0.47
C LYS A 479 -10.44 11.32 1.63
N ILE A 480 -10.48 9.99 1.75
CA ILE A 480 -11.16 9.31 2.85
C ILE A 480 -10.23 8.26 3.41
N TYR A 481 -10.00 8.30 4.72
CA TYR A 481 -9.18 7.31 5.40
C TYR A 481 -9.64 7.20 6.84
N PRO A 482 -9.41 6.05 7.48
CA PRO A 482 -9.96 5.84 8.83
C PRO A 482 -9.29 6.72 9.87
N LEU A 483 -10.02 6.94 10.96
CA LEU A 483 -9.48 7.68 12.09
C LEU A 483 -8.30 6.96 12.70
N ALA A 484 -7.35 7.74 13.21
CA ALA A 484 -6.30 7.17 14.02
C ALA A 484 -6.87 6.67 15.35
N ASN A 485 -6.18 5.70 15.95
CA ASN A 485 -6.65 5.13 17.20
C ASN A 485 -6.80 6.19 18.29
N MSE A 486 -5.97 7.22 18.24
CA MSE A 486 -6.11 8.35 19.15
C MSE A 486 -7.41 9.09 18.89
O MSE A 486 -8.14 9.45 19.82
CB MSE A 486 -4.93 9.31 19.00
CG MSE A 486 -4.60 10.10 20.26
SE MSE A 486 -3.96 8.94 21.68
CE MSE A 486 -2.43 8.16 20.76
N GLN A 487 -7.72 9.31 17.61
CA GLN A 487 -8.99 9.93 17.25
C GLN A 487 -10.16 9.02 17.55
N ARG A 488 -10.01 7.71 17.31
CA ARG A 488 -11.11 6.78 17.56
C ARG A 488 -11.50 6.77 19.04
N GLY A 489 -10.51 6.77 19.93
CA GLY A 489 -10.82 6.83 21.35
C GLY A 489 -11.49 8.12 21.75
N MSE A 490 -11.10 9.21 21.10
CA MSE A 490 -11.71 10.52 21.36
C MSE A 490 -13.18 10.54 20.94
O MSE A 490 -14.02 11.10 21.63
CB MSE A 490 -10.94 11.61 20.61
CG MSE A 490 -11.42 13.02 20.90
SE MSE A 490 -10.96 13.62 22.70
CE MSE A 490 -9.02 13.53 22.55
N LEU A 491 -13.48 9.91 19.80
CA LEU A 491 -14.85 9.91 19.30
C LEU A 491 -15.76 9.02 20.14
N PHE A 492 -15.25 7.88 20.61
CA PHE A 492 -16.09 6.93 21.33
C PHE A 492 -16.65 7.53 22.61
N HIS A 493 -15.82 8.26 23.35
CA HIS A 493 -16.29 8.97 24.53
C HIS A 493 -16.82 10.36 24.19
N ALA A 494 -16.71 10.79 22.93
CA ALA A 494 -17.43 11.98 22.49
C ALA A 494 -18.91 11.67 22.29
N LEU A 495 -19.22 10.53 21.69
CA LEU A 495 -20.61 10.09 21.59
C LEU A 495 -21.18 9.79 22.97
N GLU A 496 -20.35 9.24 23.86
CA GLU A 496 -20.73 9.08 25.26
C GLU A 496 -20.70 10.46 25.92
N ASP A 497 -21.84 11.16 25.88
CA ASP A 497 -21.89 12.57 26.24
C ASP A 497 -21.34 12.85 27.63
N LYS A 498 -20.21 13.55 27.69
CA LYS A 498 -19.58 13.96 28.94
C LYS A 498 -19.89 15.42 29.27
N GLU A 499 -21.13 15.85 28.99
CA GLU A 499 -21.64 17.21 29.10
C GLU A 499 -21.18 18.07 27.93
N SER A 500 -20.54 17.46 26.92
CA SER A 500 -20.12 18.17 25.70
C SER A 500 -19.23 19.37 26.01
N GLN A 501 -18.34 19.20 26.99
CA GLN A 501 -17.41 20.25 27.38
C GLN A 501 -15.94 19.85 27.29
N ALA A 502 -15.63 18.56 27.42
CA ALA A 502 -14.24 18.11 27.40
C ALA A 502 -13.65 18.07 26.00
N TYR A 503 -14.48 18.09 24.96
CA TYR A 503 -14.01 17.98 23.59
C TYR A 503 -13.75 19.34 22.93
N PHE A 504 -13.90 20.43 23.67
CA PHE A 504 -13.74 21.77 23.13
C PHE A 504 -12.39 22.34 23.51
N GLU A 505 -11.66 22.84 22.52
CA GLU A 505 -10.43 23.59 22.73
C GLU A 505 -10.69 25.02 22.27
N GLN A 506 -11.04 25.88 23.22
CA GLN A 506 -11.35 27.27 22.93
C GLN A 506 -10.30 28.17 23.59
N MSE A 507 -9.71 29.06 22.80
CA MSE A 507 -8.79 30.05 23.32
C MSE A 507 -9.11 31.42 22.75
O MSE A 507 -9.66 31.54 21.65
CB MSE A 507 -7.34 29.67 22.99
CG MSE A 507 -6.95 29.93 21.54
SE MSE A 507 -5.03 29.89 21.24
CE MSE A 507 -4.68 28.04 21.72
N ALA A 508 -8.77 32.46 23.50
CA ALA A 508 -8.90 33.85 23.04
C ALA A 508 -7.50 34.43 22.97
N ILE A 509 -7.12 34.92 21.80
CA ILE A 509 -5.82 35.56 21.59
C ILE A 509 -6.07 36.92 20.95
N ASN A 510 -5.76 37.97 21.68
CA ASN A 510 -5.82 39.32 21.12
C ASN A 510 -4.48 39.65 20.45
N MSE A 511 -4.55 40.51 19.44
CA MSE A 511 -3.35 40.91 18.72
C MSE A 511 -3.36 42.40 18.43
O MSE A 511 -4.40 43.00 18.22
CB MSE A 511 -3.22 40.10 17.43
CG MSE A 511 -4.51 39.98 16.63
SE MSE A 511 -4.55 38.38 15.52
CE MSE A 511 -4.39 37.04 16.93
N LYS A 512 -2.16 43.00 18.43
CA LYS A 512 -2.01 44.44 18.27
C LYS A 512 -1.29 44.74 16.95
N GLY A 513 -1.85 45.65 16.17
CA GLY A 513 -1.28 46.02 14.88
C GLY A 513 -2.35 46.29 13.84
N LEU A 514 -1.94 46.77 12.67
CA LEU A 514 -2.87 46.99 11.58
C LEU A 514 -2.93 45.74 10.71
N ILE A 515 -4.11 45.13 10.63
CA ILE A 515 -4.32 43.89 9.91
C ILE A 515 -5.24 44.15 8.73
N ASP A 516 -4.82 43.73 7.54
CA ASP A 516 -5.69 43.74 6.37
C ASP A 516 -6.67 42.57 6.49
N GLU A 517 -7.96 42.88 6.50
CA GLU A 517 -8.96 41.86 6.79
C GLU A 517 -8.96 40.75 5.75
N ARG A 518 -8.84 41.11 4.47
CA ARG A 518 -8.85 40.10 3.42
C ARG A 518 -7.59 39.24 3.47
N LEU A 519 -6.44 39.84 3.77
CA LEU A 519 -5.20 39.07 3.85
C LEU A 519 -5.23 38.08 5.01
N PHE A 520 -5.74 38.50 6.17
CA PHE A 520 -5.84 37.59 7.30
C PHE A 520 -6.77 36.43 6.99
N ALA A 521 -7.91 36.72 6.34
CA ALA A 521 -8.80 35.65 5.92
C ALA A 521 -8.14 34.76 4.87
N GLU A 522 -7.46 35.36 3.89
CA GLU A 522 -6.77 34.58 2.88
C GLU A 522 -5.66 33.75 3.49
N THR A 523 -4.88 34.34 4.40
CA THR A 523 -3.84 33.58 5.09
C THR A 523 -4.45 32.46 5.93
N PHE A 524 -5.60 32.73 6.53
CA PHE A 524 -6.31 31.69 7.29
C PHE A 524 -6.75 30.55 6.39
N ASN A 525 -7.26 30.88 5.19
CA ASN A 525 -7.70 29.84 4.27
C ASN A 525 -6.52 29.04 3.72
N ASP A 526 -5.37 29.69 3.52
CA ASP A 526 -4.19 28.97 3.06
C ASP A 526 -3.71 27.96 4.09
N ILE A 527 -3.94 28.23 5.37
CA ILE A 527 -3.63 27.25 6.41
C ILE A 527 -4.53 26.02 6.27
N MSE A 528 -5.80 26.24 5.92
CA MSE A 528 -6.75 25.14 5.74
C MSE A 528 -6.32 24.21 4.63
O MSE A 528 -6.40 22.98 4.75
CB MSE A 528 -8.15 25.71 5.44
CG MSE A 528 -8.65 26.67 6.49
SE MSE A 528 -8.78 25.81 8.23
CE MSE A 528 -10.17 24.51 7.82
N GLU A 529 -5.86 24.79 3.51
CA GLU A 529 -5.38 23.98 2.40
C GLU A 529 -4.08 23.28 2.77
N ARG A 530 -3.22 23.94 3.54
CA ARG A 530 -1.92 23.36 3.89
C ARG A 530 -2.08 22.10 4.73
N HIS A 531 -2.99 22.11 5.71
CA HIS A 531 -3.21 20.98 6.60
C HIS A 531 -4.60 20.41 6.32
N GLU A 532 -4.64 19.20 5.75
CA GLU A 532 -5.89 18.61 5.32
C GLU A 532 -6.77 18.17 6.48
N ILE A 533 -6.20 17.92 7.66
CA ILE A 533 -6.99 17.41 8.77
C ILE A 533 -7.99 18.46 9.26
N LEU A 534 -7.65 19.74 9.13
CA LEU A 534 -8.59 20.80 9.51
C LEU A 534 -9.83 20.81 8.62
N ARG A 535 -9.73 20.27 7.41
CA ARG A 535 -10.85 20.18 6.48
C ARG A 535 -11.54 18.83 6.52
N ALA A 536 -11.28 18.04 7.56
CA ALA A 536 -11.81 16.68 7.67
C ALA A 536 -13.07 16.67 8.51
N SER A 537 -14.05 15.87 8.09
CA SER A 537 -15.29 15.68 8.83
C SER A 537 -15.40 14.20 9.20
N ILE A 538 -15.74 13.92 10.45
CA ILE A 538 -15.81 12.56 10.94
C ILE A 538 -17.10 11.90 10.48
N GLU A 539 -16.98 10.72 9.88
CA GLU A 539 -18.12 9.90 9.52
C GLU A 539 -18.04 8.59 10.30
N TYR A 540 -19.11 8.28 11.03
CA TYR A 540 -19.15 7.07 11.85
C TYR A 540 -20.44 6.27 11.71
N GLU A 541 -21.48 6.83 11.09
CA GLU A 541 -22.75 6.12 10.92
C GLU A 541 -22.80 5.36 9.60
N ILE A 542 -22.41 6.00 8.50
CA ILE A 542 -22.46 5.34 7.20
C ILE A 542 -21.46 4.20 7.14
N THR A 543 -20.23 4.45 7.57
CA THR A 543 -19.15 3.47 7.48
C THR A 543 -19.18 2.53 8.68
N ASP A 544 -18.58 1.35 8.50
CA ASP A 544 -18.49 0.39 9.59
C ASP A 544 -17.62 0.92 10.73
N GLU A 545 -16.51 1.57 10.40
CA GLU A 545 -15.61 2.19 11.35
C GLU A 545 -15.58 3.70 11.14
N PRO A 546 -15.28 4.48 12.17
CA PRO A 546 -15.15 5.92 11.98
C PRO A 546 -14.08 6.24 10.95
N ARG A 547 -14.35 7.24 10.11
CA ARG A 547 -13.51 7.53 8.96
C ARG A 547 -13.42 9.03 8.75
N ASN A 548 -12.21 9.51 8.50
CA ASN A 548 -11.99 10.93 8.21
C ASN A 548 -12.36 11.22 6.77
N VAL A 549 -13.36 12.07 6.57
CA VAL A 549 -13.79 12.50 5.25
C VAL A 549 -13.26 13.91 5.03
N ILE A 550 -12.27 14.04 4.15
CA ILE A 550 -11.62 15.32 3.87
C ILE A 550 -12.28 15.93 2.64
N ILE A 551 -12.77 17.16 2.80
CA ILE A 551 -13.43 17.89 1.72
C ILE A 551 -12.39 18.74 1.00
N LYS A 552 -12.44 18.72 -0.33
CA LYS A 552 -11.41 19.36 -1.14
C LYS A 552 -11.37 20.87 -0.89
N ASP A 553 -12.46 21.57 -1.23
CA ASP A 553 -12.52 23.02 -1.12
C ASP A 553 -13.25 23.47 0.14
N ARG A 554 -13.13 22.72 1.22
CA ARG A 554 -13.80 23.09 2.48
C ARG A 554 -13.10 24.30 3.08
N LYS A 555 -13.81 25.42 3.12
CA LYS A 555 -13.37 26.60 3.84
C LYS A 555 -14.15 26.73 5.14
N ILE A 556 -13.59 27.49 6.07
CA ILE A 556 -14.28 27.85 7.30
C ILE A 556 -14.37 29.37 7.37
N ASN A 557 -15.56 29.89 7.64
CA ASN A 557 -15.79 31.32 7.61
C ASN A 557 -15.21 31.99 8.84
N LEU A 558 -14.37 33.00 8.62
CA LEU A 558 -13.84 33.84 9.70
C LEU A 558 -14.78 35.04 9.82
N ASP A 559 -15.84 34.87 10.59
CA ASP A 559 -16.84 35.93 10.74
C ASP A 559 -16.20 37.15 11.37
N TYR A 560 -16.23 38.27 10.65
CA TYR A 560 -15.55 39.49 11.06
C TYR A 560 -16.61 40.56 11.35
N HIS A 561 -16.70 40.95 12.61
CA HIS A 561 -17.58 42.03 13.05
C HIS A 561 -16.72 43.13 13.66
N ASP A 562 -16.96 44.38 13.25
CA ASP A 562 -16.07 45.48 13.61
C ASP A 562 -16.24 45.88 15.07
N LEU A 563 -17.43 46.39 15.42
CA LEU A 563 -17.77 46.87 16.76
C LEU A 563 -16.66 47.71 17.40
N ARG A 564 -16.00 48.57 16.62
CA ARG A 564 -14.99 49.46 17.20
C ARG A 564 -15.63 50.55 18.06
N LYS A 565 -16.79 51.05 17.65
CA LYS A 565 -17.37 52.26 18.23
C LYS A 565 -18.22 51.90 19.46
N GLN A 566 -17.52 51.51 20.52
CA GLN A 566 -18.15 51.28 21.82
C GLN A 566 -17.07 51.23 22.88
N SER A 567 -17.50 51.29 24.15
CA SER A 567 -16.57 51.31 25.26
C SER A 567 -15.83 49.99 25.37
N PRO A 568 -14.58 50.01 25.85
CA PRO A 568 -13.84 48.75 26.04
C PRO A 568 -14.57 47.77 26.95
N ALA A 569 -15.24 48.26 27.99
CA ALA A 569 -16.09 47.40 28.80
C ALA A 569 -17.26 46.85 27.98
N GLU A 570 -17.86 47.70 27.14
CA GLU A 570 -18.91 47.24 26.24
C GLU A 570 -18.36 46.25 25.23
N ARG A 571 -17.16 46.51 24.70
CA ARG A 571 -16.52 45.55 23.81
C ARG A 571 -16.26 44.23 24.53
N GLU A 572 -15.75 44.30 25.76
CA GLU A 572 -15.46 43.08 26.51
C GLU A 572 -16.74 42.28 26.79
N GLN A 573 -17.86 42.96 26.97
CA GLN A 573 -19.13 42.26 27.15
C GLN A 573 -19.50 41.47 25.90
N VAL A 574 -19.34 42.08 24.73
CA VAL A 574 -19.64 41.37 23.48
C VAL A 574 -18.61 40.27 23.25
N ILE A 575 -17.35 40.51 23.60
CA ILE A 575 -16.32 39.49 23.44
C ILE A 575 -16.61 38.30 24.34
N GLN A 576 -16.99 38.55 25.60
CA GLN A 576 -17.28 37.44 26.50
C GLN A 576 -18.60 36.77 26.15
N ALA A 577 -19.57 37.53 25.60
CA ALA A 577 -20.81 36.92 25.16
C ALA A 577 -20.58 35.97 24.00
N TYR A 578 -19.74 36.36 23.03
CA TYR A 578 -19.43 35.47 21.92
C TYR A 578 -18.69 34.23 22.40
N ARG A 579 -17.75 34.39 23.34
CA ARG A 579 -17.04 33.24 23.89
C ARG A 579 -18.00 32.31 24.62
N LYS A 580 -19.01 32.88 25.30
CA LYS A 580 -20.02 32.05 25.93
C LYS A 580 -20.96 31.44 24.90
N ALA A 581 -21.38 32.23 23.90
CA ALA A 581 -22.40 31.77 22.96
C ALA A 581 -21.88 30.63 22.09
N ASP A 582 -20.67 30.76 21.55
CA ASP A 582 -20.16 29.73 20.65
C ASP A 582 -19.81 28.45 21.42
N ARG A 583 -19.43 28.57 22.69
CA ARG A 583 -19.24 27.38 23.52
C ARG A 583 -20.55 26.66 23.77
N GLU A 584 -21.65 27.41 23.86
CA GLU A 584 -22.97 26.80 24.02
C GLU A 584 -23.38 26.01 22.79
N LYS A 585 -22.99 26.49 21.60
CA LYS A 585 -23.42 25.84 20.36
C LYS A 585 -22.90 24.41 20.28
N GLY A 586 -21.65 24.19 20.64
CA GLY A 586 -21.08 22.86 20.57
C GLY A 586 -20.77 22.45 19.14
N PHE A 587 -20.40 21.18 18.99
CA PHE A 587 -20.16 20.57 17.70
C PHE A 587 -21.21 19.49 17.47
N ARG A 588 -22.05 19.67 16.46
CA ARG A 588 -23.12 18.73 16.19
C ARG A 588 -22.67 17.54 15.35
N LEU A 589 -21.49 17.64 14.72
CA LEU A 589 -20.95 16.61 13.83
C LEU A 589 -21.88 16.30 12.66
N ASN A 590 -22.78 17.22 12.32
CA ASN A 590 -23.74 17.01 11.23
C ASN A 590 -23.15 17.59 9.93
N SER A 591 -22.08 16.94 9.46
CA SER A 591 -21.36 17.31 8.25
C SER A 591 -20.90 18.77 8.27
N GLU A 592 -20.74 19.34 9.46
CA GLU A 592 -20.31 20.71 9.71
C GLU A 592 -18.84 20.74 10.09
N PRO A 593 -18.10 21.76 9.64
CA PRO A 593 -16.67 21.83 10.00
C PRO A 593 -16.47 21.89 11.50
N LEU A 594 -15.41 21.23 11.96
CA LEU A 594 -15.07 21.16 13.38
C LEU A 594 -14.14 22.29 13.80
N ILE A 595 -13.86 23.24 12.92
CA ILE A 595 -13.01 24.38 13.23
C ILE A 595 -13.83 25.65 13.03
N ARG A 596 -13.85 26.52 14.03
CA ARG A 596 -14.51 27.81 13.93
C ARG A 596 -13.61 28.88 14.54
N ALA A 597 -13.50 30.01 13.85
CA ALA A 597 -12.68 31.12 14.30
C ALA A 597 -13.44 32.43 14.07
N ALA A 598 -13.21 33.39 14.96
CA ALA A 598 -13.85 34.70 14.89
C ALA A 598 -12.80 35.78 15.08
N LEU A 599 -12.90 36.85 14.28
CA LEU A 599 -12.01 37.99 14.36
C LEU A 599 -12.84 39.24 14.59
N MSE A 600 -12.69 39.85 15.77
CA MSE A 600 -13.39 41.07 16.09
C MSE A 600 -12.41 42.18 16.46
O MSE A 600 -11.40 41.94 17.13
CB MSE A 600 -14.40 40.83 17.22
CG MSE A 600 -13.93 39.85 18.28
SE MSE A 600 -15.39 39.11 19.33
CE MSE A 600 -15.44 37.32 18.56
N ARG A 601 -12.71 43.39 16.01
CA ARG A 601 -11.77 44.52 16.02
C ARG A 601 -12.17 45.50 17.11
N THR A 602 -11.53 45.40 18.28
CA THR A 602 -11.86 46.28 19.39
C THR A 602 -11.59 47.74 19.02
N GLU A 603 -10.42 48.02 18.45
CA GLU A 603 -10.06 49.36 18.03
C GLU A 603 -9.14 49.26 16.81
N ASP A 604 -8.50 50.37 16.46
CA ASP A 604 -7.77 50.44 15.19
C ASP A 604 -6.66 49.40 15.12
N ASP A 605 -5.90 49.23 16.19
CA ASP A 605 -4.75 48.31 16.19
C ASP A 605 -4.82 47.35 17.35
N SER A 606 -6.02 46.88 17.70
CA SER A 606 -6.16 45.89 18.76
C SER A 606 -7.35 45.00 18.41
N TYR A 607 -7.07 43.78 17.98
CA TYR A 607 -8.11 42.81 17.64
C TYR A 607 -8.21 41.78 18.76
N THR A 608 -9.27 40.97 18.69
CA THR A 608 -9.45 39.83 19.58
C THR A 608 -9.86 38.63 18.73
N PHE A 609 -8.96 37.65 18.63
CA PHE A 609 -9.15 36.50 17.75
C PHE A 609 -9.32 35.26 18.63
N ILE A 610 -10.51 34.66 18.58
CA ILE A 610 -10.83 33.47 19.34
C ILE A 610 -10.89 32.28 18.39
N TRP A 611 -10.44 31.13 18.87
CA TRP A 611 -10.32 29.92 18.05
C TRP A 611 -10.92 28.74 18.80
N THR A 612 -11.81 28.02 18.12
CA THR A 612 -12.45 26.84 18.70
C THR A 612 -12.29 25.66 17.75
N ASN A 613 -12.00 24.49 18.32
CA ASN A 613 -11.79 23.29 17.53
C ASN A 613 -12.18 22.07 18.35
N HIS A 614 -12.45 20.99 17.64
CA HIS A 614 -12.71 19.70 18.27
C HIS A 614 -11.39 18.97 18.49
N HIS A 615 -11.33 18.21 19.60
CA HIS A 615 -10.10 17.52 19.96
C HIS A 615 -9.69 16.47 18.93
N ILE A 616 -10.61 16.02 18.08
CA ILE A 616 -10.29 14.97 17.12
C ILE A 616 -9.23 15.46 16.13
N LEU A 617 -9.38 16.68 15.62
CA LEU A 617 -8.58 17.11 14.49
C LEU A 617 -7.14 17.41 14.88
N LEU A 618 -6.92 18.04 16.03
CA LEU A 618 -5.59 18.50 16.38
C LEU A 618 -5.45 18.57 17.91
N ASP A 619 -4.21 18.70 18.35
CA ASP A 619 -3.84 18.81 19.76
C ASP A 619 -3.23 20.19 20.01
N GLY A 620 -2.74 20.38 21.23
CA GLY A 620 -2.11 21.65 21.58
C GLY A 620 -0.83 21.90 20.79
N TRP A 621 -0.05 20.86 20.55
CA TRP A 621 1.19 21.01 19.77
C TRP A 621 0.87 21.49 18.36
N SER A 622 -0.11 20.87 17.71
CA SER A 622 -0.52 21.31 16.37
C SER A 622 -1.14 22.70 16.42
N ARG A 623 -1.82 23.03 17.52
CA ARG A 623 -2.43 24.36 17.64
C ARG A 623 -1.38 25.46 17.61
N GLY A 624 -0.25 25.25 18.28
CA GLY A 624 0.82 26.22 18.22
C GLY A 624 1.45 26.32 16.84
N ILE A 625 1.53 25.20 16.12
CA ILE A 625 2.09 25.21 14.78
C ILE A 625 1.25 26.08 13.85
N ILE A 626 -0.07 25.95 13.93
CA ILE A 626 -0.96 26.73 13.06
C ILE A 626 -0.80 28.22 13.31
N MSE A 627 -0.74 28.62 14.59
CA MSE A 627 -0.58 30.03 14.93
C MSE A 627 0.75 30.59 14.44
O MSE A 627 0.81 31.70 13.94
CB MSE A 627 -0.70 30.21 16.45
CG MSE A 627 -2.07 29.86 16.99
SE MSE A 627 -3.48 30.98 16.23
CE MSE A 627 -2.98 32.69 17.03
N GLY A 628 1.82 29.80 14.60
CA GLY A 628 3.11 30.24 14.10
C GLY A 628 3.15 30.36 12.60
N GLU A 629 2.57 29.39 11.90
CA GLU A 629 2.50 29.46 10.44
C GLU A 629 1.61 30.60 9.98
N LEU A 630 0.50 30.82 10.69
CA LEU A 630 -0.36 31.96 10.37
C LEU A 630 0.39 33.28 10.53
N PHE A 631 1.19 33.39 11.59
CA PHE A 631 1.99 34.60 11.80
C PHE A 631 3.00 34.80 10.68
N HIS A 632 3.68 33.72 10.26
CA HIS A 632 4.71 33.84 9.25
C HIS A 632 4.13 34.18 7.88
N MSE A 633 3.09 33.46 7.46
CA MSE A 633 2.53 33.62 6.12
C MSE A 633 1.90 35.00 5.91
O MSE A 633 2.03 35.58 4.83
CB MSE A 633 1.50 32.53 5.84
CG MSE A 633 2.07 31.12 5.78
SE MSE A 633 0.73 29.79 5.35
CE MSE A 633 1.80 28.18 5.57
N TYR A 634 1.23 35.51 6.94
CA TYR A 634 0.58 36.81 6.81
C TYR A 634 1.59 37.92 6.57
N HIS A 635 2.70 37.90 7.29
CA HIS A 635 3.72 38.93 7.09
C HIS A 635 4.35 38.83 5.70
N MSE A 636 4.42 37.63 5.14
CA MSE A 636 4.91 37.45 3.79
C MSE A 636 3.93 38.03 2.77
O MSE A 636 4.33 38.52 1.72
CB MSE A 636 5.16 35.96 3.52
CG MSE A 636 6.22 35.33 4.42
SE MSE A 636 8.01 36.05 4.17
CE MSE A 636 8.01 37.45 5.52
N LYS A 637 2.64 37.96 3.10
CA LYS A 637 1.63 38.59 2.25
C LYS A 637 1.82 40.10 2.21
N GLU A 638 2.14 40.71 3.36
CA GLU A 638 2.35 42.15 3.40
C GLU A 638 3.56 42.57 2.59
N ALA A 639 4.64 41.78 2.64
CA ALA A 639 5.88 42.13 1.97
C ALA A 639 5.88 41.73 0.49
N ARG A 640 4.80 41.14 0.00
CA ARG A 640 4.68 40.68 -1.39
C ARG A 640 5.75 39.63 -1.74
N GLN A 641 6.34 39.01 -0.73
CA GLN A 641 7.36 37.99 -0.88
C GLN A 641 6.77 36.64 -0.49
N LYS A 642 7.02 35.62 -1.32
CA LYS A 642 6.46 34.30 -1.04
C LYS A 642 7.02 33.75 0.27
N HIS A 643 6.18 33.02 0.99
CA HIS A 643 6.57 32.50 2.29
C HIS A 643 7.60 31.37 2.13
N ARG A 644 8.50 31.28 3.10
CA ARG A 644 9.46 30.19 3.18
C ARG A 644 9.06 29.29 4.33
N LEU A 645 8.73 28.04 4.03
CA LEU A 645 8.26 27.10 5.04
C LEU A 645 8.38 25.69 4.50
N GLU A 646 8.62 24.75 5.40
CA GLU A 646 8.77 23.36 5.01
C GLU A 646 7.45 22.81 4.45
N GLU A 647 7.58 21.90 3.49
CA GLU A 647 6.41 21.25 2.93
C GLU A 647 5.70 20.44 4.00
N ALA A 648 4.38 20.60 4.08
CA ALA A 648 3.60 19.94 5.12
C ALA A 648 3.33 18.49 4.76
N ARG A 649 3.58 17.59 5.71
CA ARG A 649 3.31 16.16 5.52
C ARG A 649 1.87 15.85 5.91
N PRO A 650 1.11 15.17 5.05
CA PRO A 650 -0.30 14.91 5.37
C PRO A 650 -0.45 14.03 6.61
N TYR A 651 -1.53 14.27 7.34
CA TYR A 651 -1.85 13.45 8.51
C TYR A 651 -2.21 12.02 8.13
N SER A 652 -2.56 11.79 6.86
CA SER A 652 -2.84 10.43 6.41
C SER A 652 -1.61 9.55 6.42
N ASP A 653 -0.43 10.14 6.17
CA ASP A 653 0.81 9.36 6.17
C ASP A 653 1.08 8.76 7.55
N TYR A 654 0.85 9.53 8.61
CA TYR A 654 1.00 9.00 9.96
C TYR A 654 -0.01 7.88 10.22
N ILE A 655 -1.26 8.07 9.77
CA ILE A 655 -2.27 7.03 9.95
C ILE A 655 -1.90 5.77 9.17
N GLY A 656 -1.42 5.95 7.94
CA GLY A 656 -0.98 4.80 7.16
C GLY A 656 0.17 4.06 7.82
N TRP A 657 1.13 4.80 8.38
CA TRP A 657 2.19 4.16 9.15
C TRP A 657 1.65 3.48 10.40
N LEU A 658 0.65 4.10 11.04
CA LEU A 658 0.07 3.53 12.24
C LEU A 658 -0.59 2.18 11.95
N GLN A 659 -1.30 2.09 10.83
CA GLN A 659 -1.90 0.82 10.41
C GLN A 659 -0.87 -0.15 9.84
N GLN A 660 0.33 0.32 9.51
CA GLN A 660 1.34 -0.54 8.91
C GLN A 660 1.85 -1.57 9.92
N GLN A 661 2.41 -1.12 11.04
CA GLN A 661 2.92 -2.02 12.04
C GLN A 661 1.79 -2.56 12.91
N ASP A 662 1.87 -3.83 13.26
CA ASP A 662 0.86 -4.45 14.10
C ASP A 662 1.06 -4.07 15.56
N LYS A 663 -0.05 -3.97 16.29
CA LYS A 663 -0.01 -3.59 17.69
C LYS A 663 -0.57 -4.69 18.60
N GLU A 664 -0.62 -5.93 18.12
CA GLU A 664 -0.91 -7.04 19.02
C GLU A 664 0.19 -7.20 20.06
N ALA A 665 1.45 -7.03 19.63
CA ALA A 665 2.55 -7.01 20.60
C ALA A 665 2.44 -5.81 21.53
N ALA A 666 1.87 -4.70 21.05
CA ALA A 666 1.64 -3.55 21.92
C ALA A 666 0.67 -3.90 23.05
N LYS A 667 -0.38 -4.66 22.73
CA LYS A 667 -1.28 -5.14 23.76
C LYS A 667 -0.55 -6.05 24.74
N ALA A 668 0.35 -6.89 24.24
CA ALA A 668 1.15 -7.74 25.12
C ALA A 668 2.07 -6.92 26.01
N TYR A 669 2.59 -5.81 25.50
CA TYR A 669 3.50 -4.98 26.28
C TYR A 669 2.80 -4.39 27.51
N TRP A 670 1.59 -3.85 27.31
CA TRP A 670 0.90 -3.18 28.41
C TRP A 670 0.28 -4.15 29.40
N ARG A 671 -0.16 -5.33 28.94
CA ARG A 671 -0.83 -6.25 29.85
C ARG A 671 0.13 -6.82 30.89
N ASN A 672 1.39 -7.08 30.51
CA ASN A 672 2.36 -7.55 31.48
C ASN A 672 2.86 -6.43 32.38
N TYR A 673 2.88 -5.19 31.87
CA TYR A 673 3.30 -4.07 32.68
C TYR A 673 2.35 -3.83 33.85
N LEU A 674 1.05 -3.95 33.60
CA LEU A 674 0.03 -3.69 34.62
C LEU A 674 -0.30 -5.00 35.32
N SER A 675 0.34 -5.22 36.48
CA SER A 675 0.13 -6.43 37.27
C SER A 675 0.02 -6.02 38.73
N GLY A 676 -1.21 -5.80 39.18
CA GLY A 676 -1.46 -5.39 40.56
C GLY A 676 -2.83 -4.76 40.76
N LYS A 696 -14.23 22.53 43.34
CA LYS A 696 -13.56 23.76 43.75
C LYS A 696 -12.11 23.76 43.29
N ARG A 697 -11.83 24.58 42.27
CA ARG A 697 -10.51 24.60 41.65
C ARG A 697 -9.55 25.42 42.50
N LYS A 698 -8.44 24.82 42.91
CA LYS A 698 -7.39 25.48 43.67
C LYS A 698 -6.05 25.23 43.01
N GLU A 699 -5.14 26.20 43.16
CA GLU A 699 -3.82 26.13 42.56
C GLU A 699 -2.75 26.48 43.58
N ALA A 700 -1.57 25.88 43.40
CA ALA A 700 -0.42 26.13 44.26
C ALA A 700 0.84 26.09 43.41
N VAL A 701 1.79 26.98 43.73
CA VAL A 701 3.04 27.09 42.99
C VAL A 701 4.19 26.93 43.97
N ILE A 702 5.13 26.04 43.63
CA ILE A 702 6.31 25.79 44.45
C ILE A 702 7.54 26.14 43.62
N GLU A 703 8.31 27.11 44.11
CA GLU A 703 9.57 27.51 43.48
C GLU A 703 10.73 27.06 44.34
N PHE A 704 11.69 26.39 43.74
CA PHE A 704 12.86 25.86 44.42
C PHE A 704 14.08 26.71 44.12
N PRO A 705 15.09 26.70 45.00
CA PRO A 705 16.30 27.48 44.75
C PRO A 705 17.00 27.03 43.46
N GLU A 706 17.66 27.99 42.82
CA GLU A 706 18.33 27.70 41.55
C GLU A 706 19.42 26.66 41.73
N GLN A 707 20.13 26.69 42.86
CA GLN A 707 21.14 25.67 43.14
C GLN A 707 20.50 24.29 43.26
N LEU A 708 19.35 24.19 43.94
CA LEU A 708 18.67 22.91 44.08
C LEU A 708 18.23 22.36 42.73
N THR A 709 17.67 23.22 41.87
CA THR A 709 17.29 22.78 40.53
C THR A 709 18.52 22.39 39.71
N GLY A 710 19.61 23.15 39.85
CA GLY A 710 20.82 22.82 39.12
C GLY A 710 21.46 21.53 39.58
N ARG A 711 21.41 21.26 40.89
CA ARG A 711 22.06 20.06 41.42
C ARG A 711 21.45 18.79 40.86
N ILE A 712 20.12 18.70 40.84
CA ILE A 712 19.49 17.48 40.36
C ILE A 712 19.69 17.32 38.86
N THR A 713 19.79 18.43 38.12
CA THR A 713 20.10 18.35 36.69
C THR A 713 21.48 17.73 36.47
N GLU A 714 22.45 18.09 37.32
CA GLU A 714 23.77 17.48 37.23
C GLU A 714 23.72 15.98 37.49
N LEU A 715 22.88 15.56 38.44
CA LEU A 715 22.74 14.13 38.73
C LEU A 715 22.15 13.38 37.54
N ALA A 716 21.19 14.00 36.85
CA ALA A 716 20.60 13.37 35.68
C ALA A 716 21.65 13.19 34.57
N SER A 717 22.50 14.19 34.38
CA SER A 717 23.52 14.11 33.33
C SER A 717 24.56 13.04 33.63
N ARG A 718 25.00 12.94 34.89
CA ARG A 718 26.05 11.99 35.22
C ARG A 718 25.56 10.54 35.12
N ASN A 719 24.26 10.31 35.32
CA ASN A 719 23.69 8.97 35.23
C ASN A 719 23.23 8.63 33.81
N ASN A 720 23.39 9.56 32.86
CA ASN A 720 22.87 9.38 31.50
C ASN A 720 21.37 9.10 31.51
N VAL A 721 20.67 9.81 32.39
CA VAL A 721 19.23 9.62 32.59
C VAL A 721 18.54 10.96 32.35
N THR A 722 17.43 10.92 31.62
CA THR A 722 16.72 12.15 31.25
C THR A 722 16.09 12.81 32.47
N PHE A 723 15.83 14.11 32.33
CA PHE A 723 15.21 14.87 33.42
C PHE A 723 13.77 14.44 33.67
N HIS A 724 13.07 13.97 32.63
CA HIS A 724 11.74 13.41 32.83
C HIS A 724 11.80 12.19 33.74
N THR A 725 12.78 11.32 33.52
CA THR A 725 12.84 10.06 34.23
C THR A 725 13.13 10.24 35.72
N VAL A 726 14.06 11.15 36.06
CA VAL A 726 14.43 11.32 37.45
C VAL A 726 13.29 11.92 38.26
N LEU A 727 12.53 12.84 37.65
CA LEU A 727 11.43 13.45 38.37
C LEU A 727 10.24 12.51 38.51
N GLN A 728 10.11 11.56 37.59
CA GLN A 728 9.06 10.54 37.72
C GLN A 728 9.30 9.67 38.95
N CYS A 729 10.56 9.30 39.21
CA CYS A 729 10.87 8.47 40.37
C CYS A 729 10.55 9.19 41.67
N ILE A 730 10.84 10.49 41.74
CA ILE A 730 10.59 11.25 42.97
C ILE A 730 9.09 11.31 43.26
N TRP A 731 8.27 11.41 42.22
CA TRP A 731 6.83 11.35 42.42
C TRP A 731 6.35 9.92 42.67
N GLY A 732 7.01 8.93 42.06
CA GLY A 732 6.56 7.56 42.23
C GLY A 732 6.73 7.04 43.64
N MSE A 733 7.82 7.39 44.30
CA MSE A 733 8.10 6.90 45.66
C MSE A 733 7.06 7.41 46.65
O MSE A 733 6.68 6.70 47.58
CB MSE A 733 9.51 7.30 46.09
CG MSE A 733 9.81 8.78 45.99
SE MSE A 733 11.69 9.19 46.32
CE MSE A 733 12.48 8.18 44.86
N LEU A 734 6.61 8.66 46.47
CA LEU A 734 5.55 9.20 47.31
C LEU A 734 4.26 8.42 47.15
N LEU A 735 3.93 8.04 45.91
CA LEU A 735 2.71 7.28 45.66
C LEU A 735 2.70 5.95 46.40
N ALA A 736 3.87 5.36 46.62
CA ALA A 736 3.94 4.12 47.38
C ALA A 736 3.49 4.31 48.82
N ARG A 737 3.74 5.49 49.39
CA ARG A 737 3.35 5.75 50.77
C ARG A 737 1.86 6.02 50.89
N TYR A 738 1.25 6.65 49.89
CA TYR A 738 -0.19 6.91 49.89
C TYR A 738 -0.97 5.63 49.57
N VAL A 744 3.35 1.56 42.54
CA VAL A 744 2.19 2.32 42.11
C VAL A 744 2.44 2.89 40.71
N VAL A 745 1.36 3.12 39.96
CA VAL A 745 1.43 3.58 38.58
C VAL A 745 0.62 4.86 38.45
N PHE A 746 1.19 5.85 37.78
CA PHE A 746 0.54 7.13 37.54
C PHE A 746 0.61 7.45 36.05
N GLY A 747 -0.15 8.46 35.64
CA GLY A 747 -0.26 8.83 34.24
C GLY A 747 0.66 9.97 33.87
N THR A 748 1.26 9.87 32.69
CA THR A 748 2.12 10.89 32.14
C THR A 748 1.63 11.28 30.75
N VAL A 749 1.67 12.57 30.46
CA VAL A 749 1.24 13.09 29.16
C VAL A 749 2.43 13.12 28.23
N ILE A 750 2.26 12.55 27.03
CA ILE A 750 3.33 12.49 26.04
C ILE A 750 2.83 13.14 24.76
N SER A 751 3.78 13.74 24.02
CA SER A 751 3.45 14.39 22.76
C SER A 751 2.99 13.38 21.70
N GLY A 752 3.41 12.12 21.82
CA GLY A 752 3.07 11.14 20.81
C GLY A 752 3.60 11.48 19.44
N ARG A 753 4.80 12.07 19.38
CA ARG A 753 5.38 12.55 18.14
C ARG A 753 6.75 11.95 17.88
N ASP A 754 7.00 10.74 18.41
CA ASP A 754 8.26 10.04 18.22
C ASP A 754 8.19 8.99 17.13
N ALA A 755 7.07 8.89 16.41
CA ALA A 755 6.92 7.86 15.39
C ALA A 755 7.89 8.09 14.24
N GLN A 756 8.25 6.99 13.58
CA GLN A 756 9.20 7.04 12.45
C GLN A 756 8.50 7.46 11.16
N VAL A 757 7.87 8.64 11.22
CA VAL A 757 7.25 9.27 10.07
C VAL A 757 7.91 10.63 9.88
N THR A 758 8.31 10.92 8.65
CA THR A 758 9.02 12.16 8.36
C THR A 758 8.10 13.36 8.59
N GLY A 759 8.64 14.39 9.25
CA GLY A 759 7.90 15.61 9.47
C GLY A 759 6.82 15.54 10.53
N ILE A 760 6.92 14.59 11.46
CA ILE A 760 5.90 14.46 12.50
C ILE A 760 5.87 15.70 13.39
N GLU A 761 7.05 16.21 13.75
CA GLU A 761 7.13 17.29 14.73
C GLU A 761 6.41 18.55 14.28
N LYS A 762 6.26 18.75 12.97
CA LYS A 762 5.66 19.95 12.43
C LYS A 762 4.34 19.69 11.70
N MSE A 763 3.77 18.50 11.83
CA MSE A 763 2.50 18.21 11.18
C MSE A 763 1.34 18.35 12.15
O MSE A 763 1.51 18.17 13.37
CB MSE A 763 2.50 16.81 10.55
CG MSE A 763 2.41 15.67 11.54
SE MSE A 763 2.04 13.97 10.64
CE MSE A 763 3.68 13.82 9.59
N VAL A 764 0.16 18.68 11.63
CA VAL A 764 -1.02 18.99 12.43
C VAL A 764 -1.88 17.74 12.55
N GLY A 765 -2.23 17.39 13.79
CA GLY A 765 -3.08 16.24 14.03
C GLY A 765 -3.21 15.99 15.51
N LEU A 766 -3.94 14.93 15.84
CA LEU A 766 -4.15 14.52 17.23
C LEU A 766 -3.08 13.50 17.60
N PHE A 767 -2.00 13.97 18.23
CA PHE A 767 -0.92 13.10 18.66
C PHE A 767 -0.76 13.02 20.17
N ILE A 768 -1.38 13.93 20.92
CA ILE A 768 -1.23 13.94 22.37
C ILE A 768 -1.84 12.67 22.96
N ASN A 769 -1.23 12.17 24.02
CA ASN A 769 -1.69 10.95 24.66
C ASN A 769 -1.21 10.92 26.10
N THR A 770 -1.96 10.22 26.94
CA THR A 770 -1.59 9.99 28.34
C THR A 770 -1.34 8.50 28.53
N VAL A 771 -0.15 8.16 29.00
CA VAL A 771 0.22 6.76 29.18
C VAL A 771 0.59 6.52 30.64
N PRO A 772 0.28 5.36 31.20
CA PRO A 772 0.66 5.06 32.58
C PRO A 772 2.07 4.50 32.68
N THR A 773 2.77 4.91 33.73
CA THR A 773 4.12 4.42 34.01
C THR A 773 4.16 3.86 35.42
N ARG A 774 4.66 2.64 35.55
CA ARG A 774 4.69 1.93 36.83
C ARG A 774 6.08 2.02 37.45
N ILE A 775 6.12 2.33 38.75
CA ILE A 775 7.37 2.41 39.48
C ILE A 775 7.34 1.45 40.67
N GLU A 785 20.10 3.96 41.49
CA GLU A 785 20.00 3.37 40.16
C GLU A 785 18.56 3.07 39.80
N LEU A 786 17.64 3.45 40.68
CA LEU A 786 16.21 3.28 40.40
C LEU A 786 15.80 4.11 39.20
N ILE A 787 16.34 5.32 39.07
CA ILE A 787 16.03 6.17 37.92
C ILE A 787 16.48 5.50 36.63
N LYS A 788 17.62 4.80 36.68
CA LYS A 788 18.08 4.07 35.51
C LYS A 788 17.13 2.94 35.14
N SER A 789 16.57 2.26 36.15
CA SER A 789 15.70 1.12 35.88
C SER A 789 14.45 1.53 35.12
N VAL A 790 13.84 2.66 35.51
CA VAL A 790 12.66 3.16 34.81
C VAL A 790 13.03 3.95 33.57
N GLN A 791 14.30 4.30 33.39
CA GLN A 791 14.73 4.95 32.15
C GLN A 791 14.51 4.04 30.95
N GLU A 792 14.88 2.76 31.06
CA GLU A 792 14.63 1.82 29.97
C GLU A 792 13.16 1.42 29.90
N GLN A 793 12.38 1.67 30.96
CA GLN A 793 10.93 1.47 30.87
C GLN A 793 10.33 2.44 29.86
N ALA A 794 10.81 3.68 29.83
CA ALA A 794 10.29 4.67 28.88
C ALA A 794 10.57 4.27 27.43
N LEU A 795 11.79 3.76 27.16
CA LEU A 795 12.13 3.43 25.78
C LEU A 795 11.42 2.17 25.30
N GLU A 796 11.08 1.26 26.21
CA GLU A 796 10.32 0.08 25.82
C GLU A 796 8.92 0.45 25.37
N GLY A 797 8.28 1.39 26.07
CA GLY A 797 7.00 1.91 25.62
C GLY A 797 7.07 2.88 24.48
N ARG A 798 8.27 3.37 24.16
CA ARG A 798 8.45 4.30 23.04
C ARG A 798 7.90 3.72 21.74
N THR A 799 8.09 2.42 21.53
CA THR A 799 7.51 1.77 20.36
C THR A 799 5.98 1.68 20.45
N TYR A 800 5.44 1.52 21.66
CA TYR A 800 4.02 1.28 21.87
C TYR A 800 3.37 2.44 22.62
N HIS A 801 3.70 3.66 22.25
CA HIS A 801 3.09 4.86 22.81
C HIS A 801 1.97 5.41 21.92
N ASP A 802 1.40 4.56 21.06
CA ASP A 802 0.46 5.02 20.03
C ASP A 802 -0.98 4.66 20.31
N MSE A 803 -1.28 3.90 21.36
CA MSE A 803 -2.66 3.51 21.63
C MSE A 803 -3.27 4.32 22.77
O MSE A 803 -2.57 4.81 23.65
CB MSE A 803 -2.76 2.01 21.92
CG MSE A 803 -2.07 1.56 23.20
SE MSE A 803 -2.61 -0.25 23.68
CE MSE A 803 -2.26 -1.14 21.97
N ASN A 804 -4.60 4.42 22.75
CA ASN A 804 -5.32 5.25 23.71
C ASN A 804 -5.23 4.66 25.11
N LEU A 805 -5.41 5.52 26.11
CA LEU A 805 -5.38 5.08 27.50
C LEU A 805 -6.56 4.17 27.84
N SER A 806 -7.72 4.40 27.20
CA SER A 806 -8.91 3.62 27.54
C SER A 806 -8.73 2.14 27.24
N GLU A 807 -8.03 1.81 26.14
CA GLU A 807 -7.76 0.42 25.83
C GLU A 807 -6.59 -0.15 26.63
N VAL A 808 -5.70 0.70 27.14
CA VAL A 808 -4.60 0.22 27.97
C VAL A 808 -5.14 -0.25 29.32
N GLN A 809 -6.02 0.54 29.93
CA GLN A 809 -6.58 0.18 31.23
C GLN A 809 -7.50 -1.03 31.14
N SER A 810 -8.02 -1.34 29.96
CA SER A 810 -8.80 -2.57 29.80
C SER A 810 -7.93 -3.80 30.04
N LEU A 811 -6.62 -3.68 29.81
CA LEU A 811 -5.67 -4.76 30.11
C LEU A 811 -5.27 -4.78 31.58
N SER A 812 -5.72 -3.82 32.37
CA SER A 812 -5.38 -3.72 33.78
C SER A 812 -6.50 -4.29 34.65
N GLU A 813 -6.12 -4.73 35.85
CA GLU A 813 -7.10 -5.26 36.79
C GLU A 813 -7.99 -4.16 37.36
N LEU A 814 -7.39 -3.02 37.71
CA LEU A 814 -8.16 -1.94 38.33
C LEU A 814 -9.09 -1.24 37.36
N LYS A 815 -8.84 -1.36 36.05
CA LYS A 815 -9.65 -0.73 35.00
C LYS A 815 -9.60 0.78 35.20
N ARG A 816 -10.73 1.45 35.47
CA ARG A 816 -10.74 2.90 35.55
C ARG A 816 -10.12 3.44 36.83
N GLU A 817 -9.95 2.59 37.85
CA GLU A 817 -9.30 3.01 39.08
C GLU A 817 -7.78 2.93 39.00
N LEU A 818 -7.22 2.75 37.81
CA LEU A 818 -5.78 2.62 37.67
C LEU A 818 -5.07 3.95 37.92
N LEU A 819 -5.62 5.05 37.39
CA LEU A 819 -5.00 6.36 37.50
C LEU A 819 -5.93 7.31 38.23
N ASP A 820 -5.40 8.01 39.22
CA ASP A 820 -6.15 9.03 39.95
C ASP A 820 -5.78 10.44 39.54
N HIS A 821 -4.66 10.62 38.85
CA HIS A 821 -4.20 11.94 38.45
C HIS A 821 -3.26 11.79 37.27
N ILE A 822 -2.84 12.93 36.72
CA ILE A 822 -1.92 12.96 35.59
C ILE A 822 -0.77 13.89 35.91
N LEU A 823 0.36 13.65 35.23
CA LEU A 823 1.55 14.48 35.34
C LEU A 823 1.87 15.08 33.98
N ILE A 824 2.11 16.38 33.95
CA ILE A 824 2.38 17.11 32.72
C ILE A 824 3.74 17.76 32.84
N PHE A 825 4.58 17.58 31.82
CA PHE A 825 5.90 18.19 31.76
C PHE A 825 5.98 19.10 30.55
N GLU A 826 6.39 20.34 30.77
CA GLU A 826 6.49 21.32 29.69
C GLU A 826 7.95 21.63 29.36
N ALA A 843 4.73 47.28 11.28
CA ALA A 843 4.11 47.22 9.95
C ALA A 843 3.14 46.06 9.86
N GLY A 844 3.23 45.12 10.81
CA GLY A 844 2.34 43.98 10.83
C GLY A 844 1.54 43.91 12.12
N PHE A 845 1.63 42.78 12.81
CA PHE A 845 0.95 42.61 14.09
C PHE A 845 1.75 41.65 14.95
N VAL A 846 1.47 41.68 16.25
CA VAL A 846 2.17 40.86 17.24
C VAL A 846 1.15 40.14 18.10
N PHE A 847 1.57 39.01 18.66
CA PHE A 847 0.71 38.18 19.49
C PHE A 847 0.80 38.58 20.96
N GLU A 848 -0.23 38.20 21.71
CA GLU A 848 -0.25 38.32 23.15
C GLU A 848 -1.35 37.41 23.69
N GLU A 849 -1.01 36.59 24.68
CA GLU A 849 -1.91 35.53 25.14
C GLU A 849 -2.65 35.96 26.40
N ILE A 850 -3.91 35.56 26.49
CA ILE A 850 -4.72 35.81 27.68
C ILE A 850 -5.40 34.52 28.13
N TYR A 858 -9.62 16.57 33.31
CA TYR A 858 -9.35 16.05 34.65
C TYR A 858 -9.61 17.10 35.71
N GLY A 859 -9.87 16.64 36.93
CA GLY A 859 -9.97 17.49 38.10
C GLY A 859 -8.73 17.50 38.96
N PHE A 860 -7.66 16.82 38.55
CA PHE A 860 -6.44 16.73 39.35
C PHE A 860 -5.29 16.53 38.36
N ASN A 861 -4.57 17.59 38.05
CA ASN A 861 -3.43 17.54 37.14
C ASN A 861 -2.25 18.27 37.75
N ILE A 862 -1.05 17.77 37.45
CA ILE A 862 0.20 18.30 37.97
C ILE A 862 1.08 18.71 36.79
N VAL A 863 1.61 19.93 36.85
CA VAL A 863 2.45 20.48 35.78
C VAL A 863 3.78 20.90 36.39
N ALA A 864 4.87 20.52 35.73
CA ALA A 864 6.22 20.88 36.15
C ALA A 864 6.91 21.62 35.01
N VAL A 865 7.52 22.76 35.34
CA VAL A 865 8.19 23.60 34.34
C VAL A 865 9.68 23.67 34.67
N PRO A 866 10.55 23.13 33.82
CA PRO A 866 11.98 23.20 34.09
C PRO A 866 12.54 24.59 33.82
N GLY A 867 13.72 24.84 34.36
CA GLY A 867 14.39 26.12 34.18
C GLY A 867 15.49 26.29 35.21
N GLU A 868 15.88 27.56 35.41
CA GLU A 868 16.85 27.86 36.44
C GLU A 868 16.33 27.49 37.82
N ARG A 869 15.07 27.81 38.10
CA ARG A 869 14.40 27.43 39.33
C ARG A 869 13.23 26.52 38.98
N LEU A 870 13.16 25.36 39.64
CA LEU A 870 12.08 24.42 39.37
C LEU A 870 10.75 24.98 39.88
N VAL A 871 9.76 25.01 38.99
CA VAL A 871 8.43 25.52 39.30
C VAL A 871 7.42 24.41 39.02
N ILE A 872 6.60 24.10 40.01
CA ILE A 872 5.57 23.06 39.90
C ILE A 872 4.23 23.69 40.19
N LYS A 873 3.29 23.55 39.25
CA LYS A 873 1.94 24.06 39.38
C LYS A 873 0.98 22.90 39.52
N LEU A 874 0.17 22.93 40.57
CA LEU A 874 -0.74 21.84 40.91
C LEU A 874 -2.16 22.39 41.02
N THR A 875 -3.10 21.76 40.32
CA THR A 875 -4.49 22.17 40.30
C THR A 875 -5.37 21.04 40.84
N TYR A 876 -6.25 21.38 41.77
CA TYR A 876 -7.19 20.41 42.33
C TYR A 876 -8.59 21.01 42.25
N ASP A 877 -9.53 20.24 41.71
CA ASP A 877 -10.91 20.69 41.59
C ASP A 877 -11.74 20.18 42.78
N ASP A 883 -7.65 21.99 52.88
CA ASP A 883 -6.75 22.82 52.09
C ASP A 883 -5.32 22.70 52.59
N HIS A 884 -5.16 22.49 53.89
CA HIS A 884 -3.83 22.33 54.48
C HIS A 884 -3.15 21.04 54.05
N ILE A 885 -3.89 20.11 53.44
CA ILE A 885 -3.27 18.92 52.87
C ILE A 885 -2.31 19.31 51.74
N ILE A 886 -2.63 20.38 51.02
CA ILE A 886 -1.74 20.87 49.97
C ILE A 886 -0.40 21.28 50.55
N ALA A 887 -0.43 21.94 51.71
CA ALA A 887 0.82 22.31 52.37
C ALA A 887 1.63 21.08 52.76
N GLY A 888 0.94 20.03 53.26
CA GLY A 888 1.64 18.79 53.57
C GLY A 888 2.25 18.15 52.35
N ILE A 889 1.59 18.26 51.19
CA ILE A 889 2.15 17.73 49.96
C ILE A 889 3.45 18.43 49.61
N LYS A 890 3.46 19.77 49.72
CA LYS A 890 4.67 20.53 49.43
C LYS A 890 5.79 20.22 50.42
N GLY A 891 5.45 20.15 51.72
CA GLY A 891 6.48 19.97 52.72
C GLY A 891 7.25 18.67 52.57
N HIS A 892 6.55 17.58 52.25
CA HIS A 892 7.23 16.31 52.03
C HIS A 892 7.99 16.28 50.71
N LEU A 893 7.63 17.15 49.75
CA LEU A 893 8.32 17.15 48.47
C LEU A 893 9.77 17.62 48.62
N GLN A 894 9.99 18.75 49.28
CA GLN A 894 11.34 19.29 49.39
C GLN A 894 12.20 18.51 50.38
N GLN A 895 11.58 17.83 51.35
CA GLN A 895 12.34 17.10 52.35
C GLN A 895 12.92 15.80 51.80
N VAL A 896 12.25 15.19 50.82
CA VAL A 896 12.72 13.91 50.28
C VAL A 896 13.65 14.07 49.09
N MSE A 897 13.75 15.25 48.50
CA MSE A 897 14.63 15.48 47.37
C MSE A 897 16.00 16.00 47.82
O MSE A 897 16.70 16.67 47.07
CB MSE A 897 14.00 16.48 46.38
CG MSE A 897 13.67 17.83 46.98
SE MSE A 897 12.94 19.08 45.68
CE MSE A 897 11.35 18.09 45.15
N GLU A 898 16.36 15.65 49.05
CA GLU A 898 17.61 16.09 49.65
C GLU A 898 18.52 14.96 50.11
N GLN A 899 17.95 13.88 50.65
CA GLN A 899 18.78 12.80 51.16
C GLN A 899 19.42 12.00 50.03
N VAL A 900 18.69 11.77 48.95
CA VAL A 900 19.19 10.93 47.86
C VAL A 900 20.35 11.59 47.15
N VAL A 901 20.32 12.93 47.01
CA VAL A 901 21.35 13.62 46.26
C VAL A 901 22.70 13.57 46.99
N GLN A 902 22.68 13.50 48.31
CA GLN A 902 23.91 13.49 49.09
C GLN A 902 24.29 12.09 49.52
#